data_6VPB
#
_entry.id   6VPB
#
_cell.length_a   91.760
_cell.length_b   82.097
_cell.length_c   81.831
_cell.angle_alpha   90.000
_cell.angle_beta   103.407
_cell.angle_gamma   90.000
#
_symmetry.space_group_name_H-M   'C 1 2 1'
#
loop_
_entity.id
_entity.type
_entity.pdbx_description
1 polymer '6-phosphogluconate dehydrogenase'
2 non-polymer DI(HYDROXYETHYL)ETHER
3 non-polymer 'ISOPROPYL ALCOHOL'
4 non-polymer 'MAGNESIUM ION'
5 water water
#
_entity_poly.entity_id   1
_entity_poly.type   'polypeptide(L)'
_entity_poly.pdbx_seq_one_letter_code
;MQIGIIGLGRMGGNIAVRLSRHGHDVVLFDRDAATVSKVSERIEGGRGVAATSLPDLVAKLTAKRKIVWVMLPCGEITEN
AVQELYGLLGKDDIVIDGGNTYYKDDIRRAAQLADKGIHYVDVGTSGGVWGLERGYCMMYGGTKDSTDHIDPILDALAPG
KGDVAPTPDRGKPGLDPRAEKGYLHCGPAGSGHFVKMVHNGIEYGMMQAFAEGFDIMKSKNSPKLPEDQRFDLNMADIAE
VWRRGSVVSSWLLDLTAEALAKNASLSEFTGEVADSGEGRWTLEAAIEEAVPAPVITASLFTRFRSRTGNNYAEKVLSAM
RFGFGGHVEKKD
;
_entity_poly.pdbx_strand_id   A,B
#
# COMPACT_ATOMS: atom_id res chain seq x y z
N MET A 1 -2.76 26.75 -24.94
CA MET A 1 -2.76 27.89 -24.02
C MET A 1 -1.33 28.25 -23.72
N GLN A 2 -1.16 29.40 -23.09
CA GLN A 2 0.14 29.90 -22.68
C GLN A 2 0.18 30.02 -21.17
N ILE A 3 1.31 29.66 -20.58
CA ILE A 3 1.41 29.67 -19.12
C ILE A 3 2.83 30.08 -18.76
N GLY A 4 2.96 30.92 -17.74
CA GLY A 4 4.28 31.25 -17.23
C GLY A 4 4.62 30.28 -16.10
N ILE A 5 5.89 29.89 -16.03
CA ILE A 5 6.36 28.97 -14.99
C ILE A 5 7.53 29.63 -14.29
N ILE A 6 7.43 29.78 -12.97
CA ILE A 6 8.46 30.35 -12.11
C ILE A 6 8.93 29.22 -11.19
N GLY A 7 10.21 28.89 -11.27
CA GLY A 7 10.75 27.78 -10.50
C GLY A 7 11.04 26.60 -11.41
N LEU A 8 12.30 26.38 -11.76
CA LEU A 8 12.62 25.36 -12.77
C LEU A 8 13.49 24.24 -12.17
N GLY A 9 13.16 23.82 -10.95
CA GLY A 9 13.70 22.60 -10.39
C GLY A 9 13.22 21.39 -11.18
N ARG A 10 13.42 20.22 -10.57
CA ARG A 10 13.09 18.98 -11.27
C ARG A 10 11.65 19.01 -11.77
N MET A 11 10.72 19.30 -10.86
CA MET A 11 9.31 19.26 -11.21
C MET A 11 8.91 20.44 -12.09
N GLY A 12 9.35 21.65 -11.77
CA GLY A 12 9.02 22.80 -12.60
C GLY A 12 9.50 22.64 -14.04
N GLY A 13 10.77 22.22 -14.20
CA GLY A 13 11.29 22.00 -15.54
C GLY A 13 10.55 20.91 -16.28
N ASN A 14 10.24 19.81 -15.58
CA ASN A 14 9.51 18.72 -16.22
C ASN A 14 8.10 19.16 -16.61
N ILE A 15 7.45 19.96 -15.77
CA ILE A 15 6.11 20.45 -16.07
C ILE A 15 6.14 21.30 -17.32
N ALA A 16 7.13 22.19 -17.42
CA ALA A 16 7.28 23.01 -18.61
C ALA A 16 7.48 22.15 -19.86
N VAL A 17 8.35 21.15 -19.77
CA VAL A 17 8.61 20.30 -20.94
C VAL A 17 7.34 19.56 -21.34
N ARG A 18 6.66 18.92 -20.38
CA ARG A 18 5.46 18.15 -20.70
C ARG A 18 4.36 19.04 -21.32
N LEU A 19 4.17 20.24 -20.77
CA LEU A 19 3.24 21.19 -21.38
C LEU A 19 3.63 21.48 -22.83
N SER A 20 4.91 21.78 -23.06
CA SER A 20 5.36 22.12 -24.42
C SER A 20 5.19 20.96 -25.37
N ARG A 21 5.26 19.74 -24.85
CA ARG A 21 5.04 18.56 -25.66
C ARG A 21 3.57 18.29 -25.91
N HIS A 22 2.67 18.94 -25.16
CA HIS A 22 1.24 18.78 -25.38
C HIS A 22 0.57 20.01 -25.98
N GLY A 23 1.30 20.84 -26.71
CA GLY A 23 0.67 21.90 -27.49
C GLY A 23 0.43 23.18 -26.75
N HIS A 24 1.02 23.35 -25.57
CA HIS A 24 0.93 24.61 -24.84
C HIS A 24 2.25 25.36 -24.91
N ASP A 25 2.16 26.68 -24.81
CA ASP A 25 3.31 27.58 -24.85
C ASP A 25 3.70 27.99 -23.43
N VAL A 26 5.00 27.98 -23.13
CA VAL A 26 5.45 28.30 -21.78
C VAL A 26 6.35 29.52 -21.81
N VAL A 27 6.24 30.33 -20.78
CA VAL A 27 7.19 31.40 -20.49
C VAL A 27 7.93 31.00 -19.22
N LEU A 28 9.25 30.93 -19.29
CA LEU A 28 10.08 30.31 -18.25
C LEU A 28 10.83 31.36 -17.45
N PHE A 29 10.90 31.15 -16.14
CA PHE A 29 11.79 31.94 -15.30
C PHE A 29 12.28 31.11 -14.14
N ASP A 30 13.52 31.37 -13.76
CA ASP A 30 14.16 30.84 -12.56
C ASP A 30 15.27 31.81 -12.20
N ARG A 31 15.59 31.88 -10.91
CA ARG A 31 16.64 32.79 -10.47
C ARG A 31 17.97 32.50 -11.19
N ASP A 32 18.21 31.24 -11.56
CA ASP A 32 19.45 30.80 -12.19
C ASP A 32 19.25 30.68 -13.70
N ALA A 33 19.91 31.58 -14.46
CA ALA A 33 19.71 31.63 -15.91
C ALA A 33 20.22 30.39 -16.63
N ALA A 34 21.19 29.69 -16.06
CA ALA A 34 21.66 28.47 -16.69
C ALA A 34 20.59 27.39 -16.66
N THR A 35 19.82 27.36 -15.56
CA THR A 35 18.70 26.43 -15.48
C THR A 35 17.62 26.81 -16.49
N VAL A 36 17.39 28.11 -16.65
CA VAL A 36 16.46 28.58 -17.67
C VAL A 36 16.89 28.09 -19.04
N SER A 37 18.19 28.18 -19.36
CA SER A 37 18.61 27.81 -20.72
C SER A 37 18.58 26.29 -20.90
N LYS A 38 18.88 25.54 -19.85
CA LYS A 38 18.74 24.08 -19.95
C LYS A 38 17.31 23.68 -20.26
N VAL A 39 16.35 24.28 -19.53
CA VAL A 39 14.97 23.89 -19.79
C VAL A 39 14.54 24.38 -21.16
N SER A 40 14.96 25.58 -21.57
CA SER A 40 14.64 26.06 -22.91
C SER A 40 15.11 25.07 -23.98
N GLU A 41 16.34 24.56 -23.83
CA GLU A 41 16.83 23.55 -24.77
C GLU A 41 16.02 22.28 -24.71
N ARG A 42 15.39 21.97 -23.57
CA ARG A 42 14.57 20.76 -23.52
C ARG A 42 13.17 20.91 -24.07
N ILE A 43 12.71 22.13 -24.32
CA ILE A 43 11.33 22.40 -24.71
C ILE A 43 11.20 22.29 -26.22
N GLU A 44 10.07 21.73 -26.67
CA GLU A 44 9.84 21.55 -28.11
C GLU A 44 10.00 22.89 -28.83
N GLY A 45 10.45 22.81 -30.09
CA GLY A 45 10.78 23.98 -30.88
C GLY A 45 9.76 25.10 -30.92
N GLY A 46 10.16 26.30 -30.49
CA GLY A 46 9.31 27.46 -30.56
C GLY A 46 8.10 27.44 -29.65
N ARG A 47 8.01 26.49 -28.73
CA ARG A 47 6.91 26.45 -27.78
C ARG A 47 7.23 27.26 -26.53
N GLY A 48 8.39 27.92 -26.50
CA GLY A 48 8.88 28.52 -25.28
C GLY A 48 9.43 29.91 -25.47
N VAL A 49 9.37 30.65 -24.38
CA VAL A 49 10.03 31.95 -24.27
C VAL A 49 10.74 31.96 -22.93
N ALA A 50 11.94 32.52 -22.91
CA ALA A 50 12.69 32.72 -21.68
C ALA A 50 12.45 34.14 -21.20
N ALA A 51 12.11 34.31 -19.93
CA ALA A 51 12.04 35.63 -19.34
C ALA A 51 13.23 35.83 -18.41
N THR A 52 13.52 37.07 -18.10
CA THR A 52 14.68 37.41 -17.28
C THR A 52 14.29 37.91 -15.89
N SER A 53 13.00 38.08 -15.63
CA SER A 53 12.47 38.60 -14.38
C SER A 53 10.98 38.29 -14.35
N LEU A 54 10.37 38.51 -13.17
CA LEU A 54 8.92 38.34 -13.04
C LEU A 54 8.16 39.37 -13.87
N PRO A 55 8.53 40.66 -13.85
CA PRO A 55 7.85 41.61 -14.74
C PRO A 55 7.99 41.27 -16.21
N ASP A 56 9.18 40.83 -16.64
CA ASP A 56 9.36 40.44 -18.04
C ASP A 56 8.51 39.22 -18.39
N LEU A 57 8.43 38.26 -17.46
CA LEU A 57 7.56 37.09 -17.65
C LEU A 57 6.10 37.50 -17.84
N VAL A 58 5.59 38.33 -16.94
CA VAL A 58 4.21 38.79 -17.03
C VAL A 58 3.97 39.56 -18.32
N ALA A 59 4.92 40.43 -18.71
CA ALA A 59 4.77 41.16 -19.96
C ALA A 59 4.72 40.20 -21.15
N LYS A 60 5.36 39.03 -21.04
CA LYS A 60 5.40 38.09 -22.14
C LYS A 60 4.16 37.19 -22.18
N LEU A 61 3.25 37.32 -21.22
CA LEU A 61 2.00 36.58 -21.22
C LEU A 61 0.94 37.45 -21.89
N THR A 62 0.58 37.10 -23.12
CA THR A 62 -0.25 37.96 -23.96
C THR A 62 -1.69 37.48 -24.10
N ALA A 63 -2.07 36.38 -23.44
CA ALA A 63 -3.44 35.91 -23.50
C ALA A 63 -4.37 36.83 -22.70
N LYS A 64 -5.67 36.72 -22.98
CA LYS A 64 -6.65 37.49 -22.22
C LYS A 64 -6.47 37.31 -20.71
N ARG A 65 -6.37 36.06 -20.24
CA ARG A 65 -6.11 35.71 -18.83
C ARG A 65 -4.69 35.19 -18.67
N LYS A 66 -3.88 35.89 -17.89
CA LYS A 66 -2.52 35.49 -17.61
C LYS A 66 -2.54 34.37 -16.57
N ILE A 67 -1.87 33.26 -16.87
CA ILE A 67 -1.75 32.12 -15.95
C ILE A 67 -0.28 31.97 -15.58
N VAL A 68 0.02 31.98 -14.27
CA VAL A 68 1.39 31.86 -13.78
C VAL A 68 1.45 30.73 -12.74
N TRP A 69 2.29 29.73 -13.00
CA TRP A 69 2.47 28.57 -12.14
C TRP A 69 3.78 28.72 -11.36
N VAL A 70 3.69 28.71 -10.02
CA VAL A 70 4.83 28.92 -9.14
C VAL A 70 5.22 27.57 -8.54
N MET A 71 6.46 27.18 -8.75
CA MET A 71 6.96 25.89 -8.30
C MET A 71 8.29 26.20 -7.60
N LEU A 72 8.20 26.88 -6.45
CA LEU A 72 9.36 27.38 -5.71
C LEU A 72 9.46 26.71 -4.35
N PRO A 73 10.62 26.81 -3.67
CA PRO A 73 10.72 26.28 -2.30
C PRO A 73 9.60 26.84 -1.43
N CYS A 74 8.91 25.96 -0.69
CA CYS A 74 7.84 26.46 0.18
C CYS A 74 8.37 27.52 1.14
N GLY A 75 7.49 28.43 1.54
CA GLY A 75 7.84 29.35 2.59
C GLY A 75 8.05 30.74 2.04
N GLU A 76 9.08 31.42 2.55
CA GLU A 76 9.28 32.83 2.22
C GLU A 76 9.49 33.04 0.73
N ILE A 77 10.17 32.12 0.06
CA ILE A 77 10.47 32.30 -1.37
C ILE A 77 9.18 32.27 -2.20
N THR A 78 8.34 31.27 -1.94
CA THR A 78 7.05 31.20 -2.61
C THR A 78 6.19 32.41 -2.27
N GLU A 79 6.18 32.81 -1.00
CA GLU A 79 5.38 33.96 -0.62
C GLU A 79 5.84 35.23 -1.33
N ASN A 80 7.16 35.43 -1.43
CA ASN A 80 7.68 36.59 -2.14
C ASN A 80 7.19 36.59 -3.59
N ALA A 81 7.29 35.43 -4.26
CA ALA A 81 6.82 35.41 -5.65
C ALA A 81 5.33 35.72 -5.72
N VAL A 82 4.53 35.19 -4.79
CA VAL A 82 3.08 35.39 -4.85
C VAL A 82 2.74 36.86 -4.66
N GLN A 83 3.43 37.54 -3.75
CA GLN A 83 3.17 38.96 -3.54
C GLN A 83 3.60 39.79 -4.75
N GLU A 84 4.76 39.48 -5.33
CA GLU A 84 5.16 40.20 -6.52
C GLU A 84 4.14 40.02 -7.65
N LEU A 85 3.66 38.79 -7.83
CA LEU A 85 2.63 38.54 -8.84
C LEU A 85 1.35 39.26 -8.50
N TYR A 86 1.02 39.35 -7.21
CA TYR A 86 -0.14 40.11 -6.78
C TYR A 86 -0.02 41.55 -7.26
N GLY A 87 1.19 42.12 -7.21
CA GLY A 87 1.37 43.47 -7.74
C GLY A 87 1.31 43.55 -9.26
N LEU A 88 1.77 42.50 -9.95
CA LEU A 88 1.92 42.57 -11.40
C LEU A 88 0.68 42.14 -12.17
N LEU A 89 -0.19 41.34 -11.55
CA LEU A 89 -1.33 40.74 -12.25
C LEU A 89 -2.61 41.54 -12.00
N GLY A 90 -3.66 41.15 -12.72
CA GLY A 90 -4.93 41.82 -12.60
C GLY A 90 -6.15 40.95 -12.64
N LYS A 91 -7.31 41.60 -12.83
CA LYS A 91 -8.60 40.93 -12.75
C LYS A 91 -8.63 39.74 -13.71
N ASP A 92 -9.02 38.58 -13.16
CA ASP A 92 -9.23 37.30 -13.85
C ASP A 92 -7.93 36.60 -14.23
N ASP A 93 -6.76 37.17 -13.94
CA ASP A 93 -5.53 36.40 -14.07
C ASP A 93 -5.53 35.28 -13.05
N ILE A 94 -4.65 34.30 -13.22
CA ILE A 94 -4.67 33.10 -12.38
C ILE A 94 -3.26 32.80 -11.89
N VAL A 95 -3.12 32.59 -10.57
CA VAL A 95 -1.87 32.16 -9.97
C VAL A 95 -2.04 30.73 -9.47
N ILE A 96 -1.15 29.84 -9.88
CA ILE A 96 -1.18 28.43 -9.48
C ILE A 96 0.03 28.20 -8.59
N ASP A 97 -0.19 27.64 -7.39
CA ASP A 97 0.93 27.28 -6.51
C ASP A 97 1.04 25.76 -6.51
N GLY A 98 2.08 25.23 -7.11
CA GLY A 98 2.31 23.81 -7.19
C GLY A 98 3.24 23.27 -6.15
N GLY A 99 3.72 24.12 -5.24
CA GLY A 99 4.69 23.69 -4.25
C GLY A 99 4.07 22.86 -3.14
N ASN A 100 4.91 22.49 -2.18
CA ASN A 100 4.41 21.81 -0.98
C ASN A 100 4.11 22.89 0.06
N THR A 101 3.08 23.66 -0.25
CA THR A 101 2.65 24.76 0.61
C THR A 101 1.72 24.24 1.69
N TYR A 102 1.89 24.77 2.90
CA TYR A 102 0.94 24.52 3.97
C TYR A 102 -0.42 25.09 3.60
N TYR A 103 -1.46 24.25 3.62
CA TYR A 103 -2.71 24.62 2.94
C TYR A 103 -3.36 25.87 3.54
N LYS A 104 -3.11 26.15 4.81
CA LYS A 104 -3.70 27.37 5.38
C LYS A 104 -3.15 28.64 4.71
N ASP A 105 -1.88 28.62 4.30
CA ASP A 105 -1.33 29.73 3.52
C ASP A 105 -2.06 29.89 2.17
N ASP A 106 -2.47 28.77 1.56
CA ASP A 106 -3.27 28.84 0.34
C ASP A 106 -4.60 29.54 0.59
N ILE A 107 -5.24 29.24 1.72
CA ILE A 107 -6.50 29.92 2.01
C ILE A 107 -6.27 31.42 2.14
N ARG A 108 -5.19 31.79 2.82
CA ARG A 108 -4.91 33.21 3.04
C ARG A 108 -4.58 33.93 1.73
N ARG A 109 -3.69 33.33 0.93
CA ARG A 109 -3.33 33.93 -0.35
C ARG A 109 -4.52 34.09 -1.25
N ALA A 110 -5.38 33.08 -1.33
CA ALA A 110 -6.52 33.16 -2.23
C ALA A 110 -7.41 34.33 -1.84
N ALA A 111 -7.62 34.52 -0.54
CA ALA A 111 -8.42 35.65 -0.10
C ALA A 111 -7.75 36.99 -0.46
N GLN A 112 -6.45 37.11 -0.25
CA GLN A 112 -5.79 38.37 -0.58
C GLN A 112 -5.87 38.64 -2.09
N LEU A 113 -5.52 37.64 -2.91
CA LEU A 113 -5.46 37.84 -4.35
C LEU A 113 -6.84 38.14 -4.90
N ALA A 114 -7.88 37.58 -4.28
CA ALA A 114 -9.23 37.84 -4.74
C ALA A 114 -9.64 39.30 -4.59
N ASP A 115 -9.00 40.05 -3.69
CA ASP A 115 -9.33 41.48 -3.55
C ASP A 115 -8.97 42.27 -4.81
N LYS A 116 -8.12 41.73 -5.69
CA LYS A 116 -7.84 42.32 -7.00
C LYS A 116 -8.46 41.52 -8.13
N GLY A 117 -9.33 40.56 -7.83
CA GLY A 117 -9.90 39.73 -8.86
C GLY A 117 -8.95 38.68 -9.43
N ILE A 118 -7.82 38.43 -8.76
CA ILE A 118 -6.85 37.42 -9.16
C ILE A 118 -7.25 36.10 -8.52
N HIS A 119 -7.35 35.05 -9.34
CA HIS A 119 -7.75 33.72 -8.87
C HIS A 119 -6.53 32.92 -8.44
N TYR A 120 -6.67 32.19 -7.34
CA TYR A 120 -5.57 31.41 -6.79
C TYR A 120 -5.95 29.94 -6.80
N VAL A 121 -5.06 29.10 -7.31
CA VAL A 121 -5.29 27.66 -7.43
C VAL A 121 -4.11 26.93 -6.79
N ASP A 122 -4.39 26.08 -5.82
CA ASP A 122 -3.31 25.29 -5.22
C ASP A 122 -3.33 23.91 -5.87
N VAL A 123 -2.19 23.46 -6.39
CA VAL A 123 -2.08 22.11 -6.99
C VAL A 123 -1.09 21.29 -6.15
N GLY A 124 -1.55 20.15 -5.63
CA GLY A 124 -0.69 19.19 -4.97
C GLY A 124 -0.47 18.07 -5.98
N THR A 125 0.79 17.71 -6.20
CA THR A 125 1.13 16.68 -7.17
C THR A 125 1.77 15.50 -6.46
N SER A 126 1.55 14.33 -7.05
CA SER A 126 2.17 13.09 -6.60
C SER A 126 2.89 12.37 -7.75
N GLY A 131 7.33 11.02 -14.37
CA GLY A 131 6.43 12.15 -14.23
C GLY A 131 6.31 12.93 -15.53
N LEU A 132 7.48 13.36 -16.02
CA LEU A 132 7.62 13.89 -17.37
C LEU A 132 6.90 13.03 -18.41
N GLU A 133 7.16 11.72 -18.38
CA GLU A 133 6.56 10.82 -19.36
C GLU A 133 5.24 10.23 -18.88
N ARG A 134 5.11 9.97 -17.57
CA ARG A 134 3.95 9.25 -17.06
C ARG A 134 2.80 10.16 -16.62
N GLY A 135 3.03 11.45 -16.42
CA GLY A 135 1.97 12.33 -15.98
C GLY A 135 1.97 12.47 -14.47
N TYR A 136 1.19 13.45 -13.98
CA TYR A 136 1.16 13.87 -12.58
C TYR A 136 -0.23 13.64 -12.00
N CYS A 137 -0.31 12.90 -10.90
CA CYS A 137 -1.56 12.80 -10.17
C CYS A 137 -1.73 14.10 -9.39
N MET A 138 -2.85 14.79 -9.60
CA MET A 138 -2.99 16.15 -9.08
C MET A 138 -4.29 16.36 -8.29
N MET A 139 -4.19 17.06 -7.18
CA MET A 139 -5.30 17.39 -6.31
C MET A 139 -5.25 18.90 -6.19
N TYR A 140 -6.32 19.57 -6.61
CA TYR A 140 -6.21 21.02 -6.71
C TYR A 140 -7.46 21.71 -6.22
N GLY A 141 -7.26 22.91 -5.68
CA GLY A 141 -8.34 23.73 -5.17
C GLY A 141 -8.40 25.07 -5.87
N GLY A 142 -9.56 25.71 -5.81
CA GLY A 142 -9.78 27.01 -6.40
C GLY A 142 -11.23 27.15 -6.83
N THR A 143 -11.52 28.33 -7.42
CA THR A 143 -12.87 28.59 -7.90
C THR A 143 -13.17 27.76 -9.14
N LYS A 144 -14.45 27.46 -9.33
CA LYS A 144 -14.86 26.77 -10.54
C LYS A 144 -14.47 27.54 -11.80
N ASP A 145 -14.56 28.88 -11.77
CA ASP A 145 -14.23 29.64 -12.98
C ASP A 145 -12.78 29.40 -13.39
N SER A 146 -11.85 29.56 -12.43
CA SER A 146 -10.44 29.48 -12.79
C SER A 146 -10.01 28.04 -13.11
N THR A 147 -10.52 27.07 -12.36
CA THR A 147 -10.11 25.70 -12.60
C THR A 147 -10.70 25.17 -13.89
N ASP A 148 -11.91 25.62 -14.26
CA ASP A 148 -12.42 25.34 -15.59
C ASP A 148 -11.50 25.93 -16.65
N HIS A 149 -11.07 27.19 -16.46
CA HIS A 149 -10.22 27.80 -17.47
C HIS A 149 -8.92 27.02 -17.67
N ILE A 150 -8.33 26.51 -16.58
CA ILE A 150 -7.01 25.89 -16.74
C ILE A 150 -7.13 24.39 -16.95
N ASP A 151 -8.34 23.86 -17.06
CA ASP A 151 -8.52 22.45 -17.31
C ASP A 151 -7.65 21.88 -18.44
N PRO A 152 -7.44 22.56 -19.58
CA PRO A 152 -6.55 21.96 -20.62
C PRO A 152 -5.10 21.75 -20.17
N ILE A 153 -4.58 22.68 -19.38
CA ILE A 153 -3.23 22.58 -18.85
C ILE A 153 -3.14 21.36 -17.92
N LEU A 154 -4.11 21.22 -17.00
CA LEU A 154 -4.09 20.09 -16.07
C LEU A 154 -4.30 18.77 -16.80
N ASP A 155 -5.21 18.73 -17.77
CA ASP A 155 -5.41 17.52 -18.57
C ASP A 155 -4.13 17.14 -19.28
N ALA A 156 -3.38 18.11 -19.79
CA ALA A 156 -2.11 17.80 -20.41
C ALA A 156 -1.14 17.17 -19.43
N LEU A 157 -1.15 17.65 -18.19
CA LEU A 157 -0.18 17.15 -17.21
C LEU A 157 -0.59 15.83 -16.56
N ALA A 158 -1.88 15.51 -16.55
CA ALA A 158 -2.37 14.35 -15.83
C ALA A 158 -2.02 13.06 -16.58
N PRO A 159 -2.01 11.92 -15.89
CA PRO A 159 -1.69 10.65 -16.58
C PRO A 159 -2.77 10.19 -17.56
N GLY A 160 -4.03 10.57 -17.38
CA GLY A 160 -5.09 10.01 -18.18
C GLY A 160 -5.50 8.65 -17.63
N LYS A 161 -6.57 8.10 -18.23
CA LYS A 161 -7.19 6.90 -17.66
C LYS A 161 -6.27 5.69 -17.70
N GLY A 162 -5.33 5.63 -18.66
CA GLY A 162 -4.40 4.49 -18.66
C GLY A 162 -5.03 3.13 -18.92
N ASP A 163 -4.33 2.08 -18.48
CA ASP A 163 -4.76 0.71 -18.75
C ASP A 163 -5.22 -0.05 -17.51
N VAL A 164 -5.36 0.61 -16.36
CA VAL A 164 -5.85 -0.09 -15.16
C VAL A 164 -7.35 -0.36 -15.27
N ALA A 165 -7.79 -1.34 -14.49
CA ALA A 165 -9.20 -1.70 -14.51
C ALA A 165 -10.02 -0.53 -13.99
N PRO A 166 -11.14 -0.23 -14.63
CA PRO A 166 -11.97 0.88 -14.16
C PRO A 166 -12.72 0.52 -12.88
N THR A 167 -12.90 1.53 -12.02
CA THR A 167 -13.69 1.34 -10.80
C THR A 167 -15.14 1.11 -11.22
N PRO A 168 -15.78 0.01 -10.77
CA PRO A 168 -17.12 -0.33 -11.29
C PRO A 168 -18.25 0.67 -11.13
N ASP A 169 -18.62 1.09 -9.93
CA ASP A 169 -19.82 1.92 -9.77
C ASP A 169 -19.57 3.42 -9.91
N ARG A 170 -18.81 3.84 -10.92
CA ARG A 170 -18.44 5.25 -11.07
C ARG A 170 -19.41 6.06 -11.93
N GLY A 171 -20.34 5.45 -12.65
CA GLY A 171 -21.22 6.23 -13.50
C GLY A 171 -22.39 6.91 -12.82
N LYS A 172 -22.12 7.84 -11.91
CA LYS A 172 -23.19 8.46 -11.14
C LYS A 172 -22.90 9.95 -11.03
N PRO A 173 -23.94 10.78 -11.04
CA PRO A 173 -23.74 12.19 -10.67
C PRO A 173 -23.13 12.28 -9.27
N GLY A 174 -22.35 13.34 -9.05
CA GLY A 174 -21.57 13.49 -7.86
C GLY A 174 -20.15 12.98 -7.96
N LEU A 175 -19.84 12.10 -8.92
CA LEU A 175 -18.50 11.57 -9.11
C LEU A 175 -17.91 12.22 -10.36
N ASP A 176 -16.86 13.00 -10.17
CA ASP A 176 -16.21 13.77 -11.23
C ASP A 176 -15.40 12.85 -12.13
N PRO A 177 -15.73 12.72 -13.42
CA PRO A 177 -14.98 11.81 -14.31
C PRO A 177 -13.52 12.16 -14.48
N ARG A 178 -13.14 13.42 -14.24
CA ARG A 178 -11.73 13.79 -14.31
C ARG A 178 -10.89 13.04 -13.28
N ALA A 179 -11.50 12.59 -12.18
CA ALA A 179 -10.75 11.78 -11.22
C ALA A 179 -10.17 10.54 -11.87
N GLU A 180 -10.88 9.95 -12.84
CA GLU A 180 -10.37 8.77 -13.52
C GLU A 180 -9.20 9.07 -14.45
N LYS A 181 -8.95 10.34 -14.74
CA LYS A 181 -7.79 10.75 -15.53
C LYS A 181 -6.64 11.18 -14.64
N GLY A 182 -6.80 11.16 -13.33
CA GLY A 182 -5.70 11.44 -12.44
C GLY A 182 -5.57 12.90 -12.03
N TYR A 183 -6.60 13.71 -12.21
CA TYR A 183 -6.57 15.05 -11.63
C TYR A 183 -7.94 15.37 -11.07
N LEU A 184 -7.97 15.96 -9.87
CA LEU A 184 -9.22 16.14 -9.16
C LEU A 184 -9.33 17.56 -8.61
N HIS A 185 -10.38 18.29 -8.99
CA HIS A 185 -10.75 19.54 -8.33
C HIS A 185 -11.34 19.22 -6.97
N CYS A 186 -10.63 19.55 -5.90
CA CYS A 186 -10.99 19.07 -4.58
C CYS A 186 -11.95 19.97 -3.83
N GLY A 187 -12.20 21.18 -4.34
CA GLY A 187 -13.00 22.14 -3.62
C GLY A 187 -12.33 23.49 -3.69
N PRO A 188 -12.60 24.35 -2.71
CA PRO A 188 -12.06 25.71 -2.71
C PRO A 188 -10.55 25.71 -2.51
N ALA A 189 -9.96 26.89 -2.65
CA ALA A 189 -8.52 27.06 -2.49
C ALA A 189 -8.05 26.54 -1.13
N GLY A 190 -6.92 25.80 -1.15
CA GLY A 190 -6.45 25.09 0.02
C GLY A 190 -6.80 23.61 0.04
N SER A 191 -7.91 23.23 -0.60
CA SER A 191 -8.34 21.83 -0.48
C SER A 191 -7.40 20.89 -1.23
N GLY A 192 -6.74 21.37 -2.29
CA GLY A 192 -5.81 20.52 -3.02
C GLY A 192 -4.57 20.20 -2.20
N HIS A 193 -3.96 21.22 -1.60
CA HIS A 193 -2.81 20.96 -0.73
C HIS A 193 -3.23 20.20 0.52
N PHE A 194 -4.48 20.38 0.97
CA PHE A 194 -4.95 19.57 2.10
C PHE A 194 -5.03 18.09 1.73
N VAL A 195 -5.64 17.78 0.58
CA VAL A 195 -5.74 16.38 0.18
C VAL A 195 -4.35 15.80 -0.08
N LYS A 196 -3.46 16.59 -0.71
CA LYS A 196 -2.11 16.08 -0.93
C LYS A 196 -1.41 15.81 0.40
N MET A 197 -1.63 16.68 1.39
CA MET A 197 -1.02 16.48 2.69
C MET A 197 -1.44 15.14 3.28
N VAL A 198 -2.74 14.83 3.22
CA VAL A 198 -3.20 13.55 3.77
C VAL A 198 -2.69 12.35 2.95
N HIS A 199 -2.63 12.51 1.62
CA HIS A 199 -1.98 11.50 0.78
C HIS A 199 -0.59 11.17 1.31
N ASN A 200 0.22 12.19 1.60
CA ASN A 200 1.55 11.93 2.15
C ASN A 200 1.48 11.29 3.53
N GLY A 201 0.52 11.69 4.37
CA GLY A 201 0.41 11.03 5.67
C GLY A 201 0.12 9.55 5.53
N ILE A 202 -0.80 9.21 4.60
CA ILE A 202 -1.11 7.81 4.33
C ILE A 202 0.13 7.07 3.84
N GLU A 203 0.86 7.70 2.93
CA GLU A 203 2.10 7.11 2.41
C GLU A 203 3.09 6.80 3.53
N TYR A 204 3.28 7.75 4.46
CA TYR A 204 4.13 7.49 5.63
C TYR A 204 3.69 6.22 6.36
N GLY A 205 2.38 6.12 6.62
CA GLY A 205 1.87 4.94 7.32
C GLY A 205 2.09 3.64 6.55
N MET A 206 1.86 3.68 5.25
CA MET A 206 2.09 2.50 4.45
C MET A 206 3.56 2.10 4.49
N MET A 207 4.45 3.08 4.35
CA MET A 207 5.88 2.82 4.39
C MET A 207 6.28 2.19 5.71
N GLN A 208 5.76 2.72 6.82
CA GLN A 208 6.13 2.20 8.13
C GLN A 208 5.56 0.79 8.34
N ALA A 209 4.35 0.53 7.84
CA ALA A 209 3.81 -0.84 7.90
C ALA A 209 4.73 -1.84 7.20
N PHE A 210 5.15 -1.53 5.96
CA PHE A 210 6.10 -2.41 5.28
C PHE A 210 7.40 -2.53 6.06
N ALA A 211 7.94 -1.38 6.50
CA ALA A 211 9.24 -1.37 7.17
C ALA A 211 9.23 -2.24 8.42
N GLU A 212 8.15 -2.15 9.22
CA GLU A 212 8.03 -3.01 10.39
C GLU A 212 7.99 -4.48 10.01
N GLY A 213 7.17 -4.83 9.01
CA GLY A 213 7.12 -6.24 8.60
C GLY A 213 8.46 -6.78 8.14
N PHE A 214 9.18 -6.00 7.31
CA PHE A 214 10.49 -6.47 6.87
C PHE A 214 11.46 -6.56 8.04
N ASP A 215 11.39 -5.62 8.98
CA ASP A 215 12.21 -5.75 10.19
C ASP A 215 11.89 -7.04 10.95
N ILE A 216 10.62 -7.38 11.08
CA ILE A 216 10.25 -8.61 11.80
C ILE A 216 10.81 -9.83 11.08
N MET A 217 10.72 -9.84 9.75
CA MET A 217 11.23 -10.98 9.00
C MET A 217 12.74 -11.04 9.05
N LYS A 218 13.42 -9.90 8.88
CA LYS A 218 14.89 -9.87 8.96
C LYS A 218 15.38 -10.37 10.31
N SER A 219 14.69 -9.98 11.41
CA SER A 219 15.10 -10.31 12.76
C SER A 219 14.65 -11.69 13.19
N LYS A 220 13.90 -12.40 12.34
CA LYS A 220 13.66 -13.83 12.62
C LYS A 220 14.94 -14.66 12.57
N ASN A 221 16.05 -14.15 12.06
CA ASN A 221 17.33 -14.85 12.16
C ASN A 221 18.18 -14.32 13.32
N SER A 222 17.56 -13.67 14.31
CA SER A 222 18.34 -12.94 15.30
C SER A 222 19.14 -13.90 16.18
N PRO A 223 20.40 -13.55 16.50
CA PRO A 223 21.15 -14.30 17.51
C PRO A 223 20.44 -14.38 18.84
N LYS A 224 19.73 -13.32 19.23
CA LYS A 224 18.99 -13.35 20.47
C LYS A 224 17.96 -14.47 20.48
N LEU A 225 17.56 -14.95 19.31
CA LEU A 225 16.65 -16.08 19.32
C LEU A 225 17.45 -17.37 19.50
N PRO A 226 16.87 -18.36 20.14
CA PRO A 226 17.48 -19.70 20.10
C PRO A 226 17.55 -20.18 18.67
N GLU A 227 18.64 -20.88 18.35
CA GLU A 227 18.88 -21.29 16.98
C GLU A 227 17.69 -22.03 16.39
N ASP A 228 17.01 -22.86 17.18
CA ASP A 228 15.91 -23.62 16.62
C ASP A 228 14.64 -22.81 16.46
N GLN A 229 14.66 -21.52 16.81
CA GLN A 229 13.53 -20.64 16.53
C GLN A 229 13.85 -19.63 15.42
N ARG A 230 14.94 -19.82 14.70
CA ARG A 230 15.36 -18.89 13.66
C ARG A 230 14.90 -19.36 12.28
N PHE A 231 14.69 -18.39 11.39
CA PHE A 231 14.59 -18.60 9.95
C PHE A 231 15.50 -17.59 9.31
N ASP A 232 16.27 -18.00 8.30
CA ASP A 232 17.12 -17.06 7.56
C ASP A 232 16.38 -16.70 6.27
N LEU A 233 15.61 -15.62 6.32
CA LEU A 233 14.66 -15.33 5.26
C LEU A 233 15.28 -14.41 4.23
N ASN A 234 14.85 -14.58 2.98
CA ASN A 234 15.39 -13.85 1.83
C ASN A 234 14.54 -12.61 1.58
N MET A 235 15.01 -11.44 2.03
CA MET A 235 14.18 -10.25 2.01
C MET A 235 13.78 -9.87 0.60
N ALA A 236 14.75 -9.87 -0.33
CA ALA A 236 14.44 -9.43 -1.68
C ALA A 236 13.42 -10.34 -2.34
N ASP A 237 13.53 -11.66 -2.09
CA ASP A 237 12.60 -12.58 -2.74
C ASP A 237 11.19 -12.45 -2.18
N ILE A 238 11.09 -12.20 -0.87
CA ILE A 238 9.78 -12.02 -0.26
C ILE A 238 9.09 -10.76 -0.80
N ALA A 239 9.82 -9.64 -0.86
CA ALA A 239 9.25 -8.45 -1.51
C ALA A 239 8.76 -8.75 -2.92
N GLU A 240 9.58 -9.49 -3.67
CA GLU A 240 9.25 -9.78 -5.07
C GLU A 240 7.99 -10.61 -5.17
N VAL A 241 7.91 -11.71 -4.40
CA VAL A 241 6.77 -12.60 -4.52
C VAL A 241 5.50 -11.87 -4.16
N TRP A 242 5.57 -10.93 -3.21
CA TRP A 242 4.37 -10.18 -2.89
C TRP A 242 3.93 -9.26 -4.03
N ARG A 243 4.83 -8.92 -4.96
CA ARG A 243 4.41 -8.04 -6.07
C ARG A 243 3.23 -8.59 -6.87
N ARG A 244 3.07 -9.91 -6.96
CA ARG A 244 2.08 -10.51 -7.87
C ARG A 244 1.02 -11.29 -7.13
N GLY A 245 -0.15 -10.70 -7.02
CA GLY A 245 -1.31 -11.40 -6.52
C GLY A 245 -1.52 -11.32 -5.03
N SER A 246 -0.74 -10.53 -4.32
CA SER A 246 -0.90 -10.44 -2.88
C SER A 246 -1.72 -9.20 -2.52
N VAL A 247 -2.21 -9.18 -1.28
CA VAL A 247 -3.02 -8.07 -0.80
C VAL A 247 -2.21 -6.79 -0.62
N VAL A 248 -0.89 -6.91 -0.51
CA VAL A 248 -0.04 -5.74 -0.25
C VAL A 248 0.58 -5.20 -1.53
N SER A 249 0.24 -5.76 -2.70
CA SER A 249 0.81 -5.27 -3.94
CA SER A 249 0.77 -5.27 -3.96
C SER A 249 0.52 -3.77 -4.06
N SER A 250 1.52 -3.00 -4.50
CA SER A 250 1.46 -1.55 -4.45
C SER A 250 2.71 -0.97 -5.09
N TRP A 251 2.63 0.31 -5.44
CA TRP A 251 3.81 0.98 -5.96
C TRP A 251 4.96 0.98 -4.95
N LEU A 252 4.64 1.22 -3.66
CA LEU A 252 5.68 1.20 -2.63
C LEU A 252 6.36 -0.15 -2.56
N LEU A 253 5.59 -1.24 -2.66
CA LEU A 253 6.20 -2.56 -2.67
C LEU A 253 7.15 -2.72 -3.85
N ASP A 254 6.74 -2.29 -5.04
CA ASP A 254 7.62 -2.35 -6.20
C ASP A 254 8.97 -1.69 -5.91
N LEU A 255 8.93 -0.48 -5.35
CA LEU A 255 10.18 0.20 -5.00
C LEU A 255 11.00 -0.60 -4.00
N THR A 256 10.34 -1.12 -2.98
CA THR A 256 11.07 -1.91 -2.00
C THR A 256 11.71 -3.14 -2.63
N ALA A 257 11.01 -3.81 -3.55
CA ALA A 257 11.62 -4.99 -4.18
C ALA A 257 12.85 -4.60 -5.00
N GLU A 258 12.80 -3.45 -5.66
CA GLU A 258 13.98 -3.01 -6.41
C GLU A 258 15.15 -2.71 -5.45
N ALA A 259 14.88 -2.02 -4.34
CA ALA A 259 15.97 -1.70 -3.42
C ALA A 259 16.55 -2.96 -2.78
N LEU A 260 15.69 -3.92 -2.42
CA LEU A 260 16.20 -5.13 -1.79
C LEU A 260 16.95 -6.01 -2.78
N ALA A 261 16.50 -6.09 -4.02
CA ALA A 261 17.25 -6.83 -5.02
C ALA A 261 18.65 -6.25 -5.18
N LYS A 262 18.76 -4.92 -5.21
CA LYS A 262 20.08 -4.30 -5.32
C LYS A 262 20.99 -4.65 -4.13
N ASN A 263 20.48 -4.52 -2.89
CA ASN A 263 21.33 -4.76 -1.72
C ASN A 263 20.42 -5.15 -0.55
N ALA A 264 20.24 -6.48 -0.35
CA ALA A 264 19.23 -6.97 0.60
C ALA A 264 19.57 -6.61 2.04
N SER A 265 20.86 -6.51 2.39
CA SER A 265 21.22 -6.14 3.75
C SER A 265 20.89 -4.68 4.05
N LEU A 266 20.66 -3.86 3.01
CA LEU A 266 20.45 -2.42 3.15
C LEU A 266 21.62 -1.75 3.86
N SER A 267 22.79 -2.39 3.78
CA SER A 267 24.02 -1.89 4.40
C SER A 267 24.39 -0.50 3.93
N GLU A 268 23.91 -0.07 2.77
CA GLU A 268 24.28 1.22 2.20
C GLU A 268 23.48 2.38 2.77
N PHE A 269 22.54 2.13 3.68
CA PHE A 269 21.60 3.13 4.14
C PHE A 269 21.80 3.41 5.62
N THR A 270 21.62 4.67 6.01
CA THR A 270 21.77 5.04 7.41
C THR A 270 20.53 4.66 8.21
N GLY A 271 19.35 4.81 7.63
CA GLY A 271 18.14 4.71 8.42
C GLY A 271 17.69 6.03 9.00
N GLU A 272 18.37 7.13 8.69
CA GLU A 272 18.02 8.46 9.20
C GLU A 272 17.06 9.13 8.24
N VAL A 273 15.80 9.25 8.66
CA VAL A 273 14.73 9.64 7.76
C VAL A 273 14.19 11.00 8.17
N ALA A 274 14.07 11.89 7.21
CA ALA A 274 13.48 13.18 7.42
C ALA A 274 11.96 13.10 7.29
N ASP A 275 11.30 14.13 7.78
CA ASP A 275 9.88 14.33 7.56
C ASP A 275 9.73 15.70 6.92
N SER A 276 9.06 15.76 5.77
CA SER A 276 9.03 16.99 4.97
C SER A 276 8.09 18.05 5.48
N GLY A 277 7.18 17.74 6.41
CA GLY A 277 6.17 18.72 6.76
C GLY A 277 4.76 18.18 6.67
N GLU A 278 4.46 17.46 5.58
CA GLU A 278 3.11 16.94 5.40
CA GLU A 278 3.11 16.94 5.40
C GLU A 278 2.73 15.99 6.53
N GLY A 279 3.69 15.20 7.03
CA GLY A 279 3.37 14.31 8.13
C GLY A 279 2.90 15.07 9.36
N ARG A 280 3.68 16.09 9.74
CA ARG A 280 3.30 16.93 10.88
C ARG A 280 1.95 17.57 10.66
N TRP A 281 1.73 18.11 9.46
CA TRP A 281 0.51 18.85 9.22
C TRP A 281 -0.69 17.92 9.18
N THR A 282 -0.50 16.70 8.70
CA THR A 282 -1.56 15.69 8.80
C THR A 282 -1.92 15.42 10.25
N LEU A 283 -0.92 15.26 11.10
CA LEU A 283 -1.24 15.00 12.50
C LEU A 283 -1.94 16.20 13.13
N GLU A 284 -1.54 17.41 12.76
CA GLU A 284 -2.19 18.61 13.30
CA GLU A 284 -2.20 18.59 13.32
C GLU A 284 -3.65 18.66 12.87
N ALA A 285 -3.92 18.28 11.62
CA ALA A 285 -5.31 18.23 11.17
C ALA A 285 -6.10 17.22 11.99
N ALA A 286 -5.51 16.05 12.25
CA ALA A 286 -6.17 15.05 13.08
C ALA A 286 -6.51 15.62 14.46
N ILE A 287 -5.54 16.31 15.07
CA ILE A 287 -5.76 16.90 16.39
C ILE A 287 -6.90 17.91 16.32
N GLU A 288 -6.82 18.84 15.37
CA GLU A 288 -7.87 19.84 15.19
C GLU A 288 -9.25 19.20 15.07
N GLU A 289 -9.33 18.03 14.44
CA GLU A 289 -10.61 17.39 14.15
C GLU A 289 -11.01 16.33 15.18
N ALA A 290 -10.19 16.10 16.20
CA ALA A 290 -10.43 15.05 17.21
C ALA A 290 -10.54 13.66 16.58
N VAL A 291 -9.65 13.38 15.63
CA VAL A 291 -9.59 12.11 14.93
C VAL A 291 -8.40 11.32 15.48
N PRO A 292 -8.60 10.10 15.98
CA PRO A 292 -7.44 9.26 16.35
C PRO A 292 -6.64 8.91 15.10
N ALA A 293 -5.32 9.10 15.16
CA ALA A 293 -4.47 8.78 14.02
C ALA A 293 -3.17 8.11 14.49
N PRO A 294 -3.27 6.96 15.16
CA PRO A 294 -2.05 6.33 15.72
C PRO A 294 -1.04 5.85 14.67
N VAL A 295 -1.47 5.44 13.48
CA VAL A 295 -0.50 4.93 12.51
C VAL A 295 0.35 6.05 11.92
N ILE A 296 -0.29 7.16 11.53
CA ILE A 296 0.49 8.29 11.02
CA ILE A 296 0.49 8.28 11.02
C ILE A 296 1.35 8.88 12.12
N THR A 297 0.84 8.87 13.35
CA THR A 297 1.63 9.34 14.48
C THR A 297 2.86 8.48 14.73
N ALA A 298 2.67 7.16 14.77
CA ALA A 298 3.81 6.27 14.95
C ALA A 298 4.82 6.47 13.81
N SER A 299 4.34 6.69 12.59
CA SER A 299 5.27 6.88 11.48
C SER A 299 6.10 8.15 11.67
N LEU A 300 5.45 9.23 12.06
CA LEU A 300 6.16 10.48 12.28
C LEU A 300 7.20 10.36 13.40
N PHE A 301 6.80 9.74 14.53
CA PHE A 301 7.71 9.60 15.66
C PHE A 301 8.89 8.69 15.33
N THR A 302 8.65 7.61 14.57
CA THR A 302 9.78 6.80 14.12
C THR A 302 10.78 7.64 13.35
N ARG A 303 10.28 8.54 12.48
CA ARG A 303 11.19 9.44 11.74
C ARG A 303 11.95 10.37 12.70
N PHE A 304 11.24 11.02 13.63
CA PHE A 304 11.94 11.88 14.62
C PHE A 304 13.09 11.13 15.25
N ARG A 305 12.81 9.94 15.76
CA ARG A 305 13.80 9.20 16.54
C ARG A 305 14.92 8.63 15.69
N SER A 306 14.66 8.37 14.41
CA SER A 306 15.70 7.81 13.55
C SER A 306 16.87 8.75 13.36
N ARG A 307 16.67 10.04 13.59
CA ARG A 307 17.67 11.07 13.30
C ARG A 307 18.55 11.41 14.49
N THR A 308 18.21 10.93 15.67
CA THR A 308 18.97 11.20 16.87
C THR A 308 19.63 9.91 17.35
N GLY A 309 20.56 10.05 18.26
CA GLY A 309 20.94 8.90 19.06
C GLY A 309 19.91 8.75 20.15
N ASN A 310 20.32 8.09 21.23
CA ASN A 310 19.49 8.09 22.42
C ASN A 310 19.19 9.52 22.84
N ASN A 311 17.93 9.79 23.16
CA ASN A 311 17.48 11.14 23.41
C ASN A 311 17.30 11.36 24.93
N TYR A 312 16.91 12.59 25.31
CA TYR A 312 16.86 12.90 26.74
C TYR A 312 15.82 12.01 27.45
N ALA A 313 14.70 11.70 26.78
CA ALA A 313 13.68 10.82 27.37
C ALA A 313 14.29 9.48 27.77
N GLU A 314 15.07 8.90 26.87
CA GLU A 314 15.67 7.61 27.16
C GLU A 314 16.70 7.72 28.28
N LYS A 315 17.43 8.83 28.33
CA LYS A 315 18.34 9.05 29.45
C LYS A 315 17.58 9.17 30.76
N VAL A 316 16.40 9.79 30.73
CA VAL A 316 15.55 9.86 31.94
C VAL A 316 15.18 8.46 32.40
N LEU A 317 14.84 7.59 31.44
CA LEU A 317 14.56 6.19 31.78
C LEU A 317 15.75 5.51 32.44
N SER A 318 16.96 5.69 31.87
CA SER A 318 18.13 5.06 32.51
C SER A 318 18.34 5.63 33.90
N ALA A 319 18.15 6.95 34.06
CA ALA A 319 18.39 7.56 35.36
C ALA A 319 17.42 7.01 36.39
N MET A 320 16.15 6.87 36.02
CA MET A 320 15.17 6.31 36.94
C MET A 320 15.55 4.89 37.33
N ARG A 321 15.91 4.07 36.34
CA ARG A 321 16.25 2.70 36.64
C ARG A 321 17.45 2.62 37.57
N PHE A 322 18.48 3.42 37.30
CA PHE A 322 19.64 3.45 38.19
C PHE A 322 19.25 3.85 39.61
N GLY A 323 18.35 4.83 39.74
CA GLY A 323 17.87 5.26 41.05
C GLY A 323 17.22 4.15 41.88
N PHE A 324 16.76 3.07 41.24
CA PHE A 324 16.26 1.90 41.98
C PHE A 324 17.35 1.29 42.84
N MET B 1 0.54 -34.31 -12.66
CA MET B 1 0.79 -35.11 -11.45
C MET B 1 -0.54 -35.41 -10.78
N GLN B 2 -0.52 -36.32 -9.81
CA GLN B 2 -1.73 -36.68 -9.08
C GLN B 2 -1.59 -36.16 -7.66
N ILE B 3 -2.67 -35.60 -7.13
CA ILE B 3 -2.61 -34.98 -5.80
C ILE B 3 -3.96 -35.15 -5.14
N GLY B 4 -3.94 -35.48 -3.84
CA GLY B 4 -5.16 -35.51 -3.06
C GLY B 4 -5.39 -34.19 -2.33
N ILE B 5 -6.66 -33.78 -2.23
CA ILE B 5 -7.02 -32.56 -1.52
C ILE B 5 -8.10 -32.90 -0.50
N ILE B 6 -7.84 -32.60 0.78
CA ILE B 6 -8.85 -32.80 1.84
C ILE B 6 -9.21 -31.43 2.39
N GLY B 7 -10.49 -31.08 2.29
CA GLY B 7 -10.97 -29.77 2.72
C GLY B 7 -11.40 -29.00 1.50
N LEU B 8 -12.70 -28.96 1.25
CA LEU B 8 -13.23 -28.39 0.02
C LEU B 8 -14.14 -27.20 0.31
N GLY B 9 -13.73 -26.36 1.26
CA GLY B 9 -14.31 -25.04 1.40
C GLY B 9 -13.98 -24.20 0.18
N ARG B 10 -14.19 -22.88 0.27
CA ARG B 10 -14.00 -22.03 -0.92
C ARG B 10 -12.60 -22.22 -1.50
N MET B 11 -11.58 -22.13 -0.65
CA MET B 11 -10.21 -22.17 -1.16
C MET B 11 -9.84 -23.57 -1.65
N GLY B 12 -10.13 -24.60 -0.85
CA GLY B 12 -9.81 -25.96 -1.27
C GLY B 12 -10.45 -26.33 -2.60
N GLY B 13 -11.75 -26.05 -2.73
CA GLY B 13 -12.43 -26.35 -4.00
C GLY B 13 -11.86 -25.58 -5.18
N ASN B 14 -11.56 -24.29 -4.98
CA ASN B 14 -10.97 -23.49 -6.06
C ASN B 14 -9.59 -24.03 -6.46
N ILE B 15 -8.80 -24.45 -5.48
CA ILE B 15 -7.48 -25.00 -5.72
C ILE B 15 -7.58 -26.29 -6.52
N ALA B 16 -8.53 -27.16 -6.15
CA ALA B 16 -8.75 -28.40 -6.92
C ALA B 16 -9.14 -28.08 -8.36
N VAL B 17 -10.02 -27.11 -8.55
CA VAL B 17 -10.45 -26.78 -9.91
C VAL B 17 -9.27 -26.26 -10.73
N ARG B 18 -8.51 -25.30 -10.19
CA ARG B 18 -7.39 -24.74 -10.95
C ARG B 18 -6.32 -25.79 -11.24
N LEU B 19 -5.99 -26.63 -10.25
CA LEU B 19 -5.07 -27.73 -10.53
C LEU B 19 -5.58 -28.56 -11.70
N SER B 20 -6.86 -28.94 -11.66
CA SER B 20 -7.37 -29.79 -12.73
C SER B 20 -7.36 -29.07 -14.08
N ARG B 21 -7.51 -27.75 -14.08
CA ARG B 21 -7.47 -27.01 -15.33
C ARG B 21 -6.05 -26.93 -15.87
N HIS B 22 -5.05 -27.20 -15.05
CA HIS B 22 -3.69 -27.29 -15.55
C HIS B 22 -3.27 -28.72 -15.80
N GLY B 23 -4.23 -29.64 -15.90
CA GLY B 23 -3.95 -31.00 -16.28
C GLY B 23 -3.52 -31.93 -15.17
N HIS B 24 -3.68 -31.54 -13.91
CA HIS B 24 -3.31 -32.45 -12.83
C HIS B 24 -4.52 -33.25 -12.43
N ASP B 25 -4.29 -34.49 -11.98
CA ASP B 25 -5.36 -35.36 -11.54
C ASP B 25 -5.52 -35.19 -10.03
N VAL B 26 -6.72 -34.84 -9.61
CA VAL B 26 -6.95 -34.50 -8.21
C VAL B 26 -7.92 -35.53 -7.65
N VAL B 27 -7.64 -35.98 -6.43
CA VAL B 27 -8.50 -36.86 -5.66
C VAL B 27 -9.07 -36.03 -4.54
N LEU B 28 -10.40 -35.97 -4.45
CA LEU B 28 -11.13 -35.01 -3.64
C LEU B 28 -11.67 -35.64 -2.37
N PHE B 29 -11.55 -34.95 -1.25
CA PHE B 29 -12.26 -35.42 -0.08
C PHE B 29 -12.68 -34.25 0.80
N ASP B 30 -13.85 -34.38 1.41
CA ASP B 30 -14.33 -33.43 2.41
C ASP B 30 -15.29 -34.18 3.31
N ARG B 31 -15.35 -33.78 4.60
CA ARG B 31 -16.20 -34.48 5.55
C ARG B 31 -17.65 -34.54 5.07
N ASP B 32 -18.09 -33.54 4.32
CA ASP B 32 -19.45 -33.46 3.77
C ASP B 32 -19.44 -33.94 2.32
N ALA B 33 -20.08 -35.10 2.05
CA ALA B 33 -20.01 -35.69 0.72
C ALA B 33 -20.68 -34.82 -0.35
N ALA B 34 -21.65 -33.98 0.06
CA ALA B 34 -22.30 -33.08 -0.89
C ALA B 34 -21.32 -32.04 -1.40
N THR B 35 -20.40 -31.59 -0.54
CA THR B 35 -19.37 -30.66 -0.99
C THR B 35 -18.42 -31.33 -1.98
N VAL B 36 -18.07 -32.59 -1.74
CA VAL B 36 -17.25 -33.33 -2.69
C VAL B 36 -17.94 -33.36 -4.05
N SER B 37 -19.25 -33.60 -4.07
CA SER B 37 -19.89 -33.72 -5.38
C SER B 37 -20.03 -32.36 -6.04
N LYS B 38 -20.26 -31.29 -5.25
CA LYS B 38 -20.29 -29.96 -5.83
C LYS B 38 -18.95 -29.62 -6.49
N VAL B 39 -17.83 -29.93 -5.82
CA VAL B 39 -16.54 -29.60 -6.42
C VAL B 39 -16.25 -30.47 -7.63
N SER B 40 -16.60 -31.77 -7.55
CA SER B 40 -16.42 -32.67 -8.70
C SER B 40 -17.12 -32.17 -9.95
N GLU B 41 -18.32 -31.61 -9.79
CA GLU B 41 -19.03 -31.09 -10.96
C GLU B 41 -18.27 -29.97 -11.65
N ARG B 42 -17.43 -29.25 -10.91
CA ARG B 42 -16.68 -28.12 -11.47
C ARG B 42 -15.41 -28.53 -12.20
N ILE B 43 -14.98 -29.79 -12.10
CA ILE B 43 -13.77 -30.27 -12.73
C ILE B 43 -14.13 -30.88 -14.08
N GLU B 44 -13.32 -30.62 -15.10
CA GLU B 44 -13.57 -31.07 -16.47
C GLU B 44 -12.48 -32.03 -16.95
N GLY B 45 -12.85 -32.83 -17.96
CA GLY B 45 -11.91 -33.74 -18.57
C GLY B 45 -11.56 -34.97 -17.77
N GLY B 46 -12.41 -35.35 -16.82
CA GLY B 46 -12.12 -36.54 -16.06
C GLY B 46 -10.94 -36.45 -15.13
N ARG B 47 -10.45 -35.25 -14.83
CA ARG B 47 -9.27 -35.09 -13.98
C ARG B 47 -9.58 -35.06 -12.49
N GLY B 48 -10.80 -35.36 -12.09
CA GLY B 48 -11.18 -35.35 -10.69
C GLY B 48 -11.77 -36.69 -10.35
N VAL B 49 -11.48 -37.16 -9.14
CA VAL B 49 -12.03 -38.40 -8.61
C VAL B 49 -12.47 -38.13 -7.18
N ALA B 50 -13.67 -38.58 -6.84
CA ALA B 50 -14.21 -38.34 -5.50
C ALA B 50 -13.81 -39.49 -4.61
N ALA B 51 -13.24 -39.18 -3.46
CA ALA B 51 -12.90 -40.18 -2.50
C ALA B 51 -13.97 -40.21 -1.42
N THR B 52 -14.01 -41.31 -0.68
CA THR B 52 -15.05 -41.53 0.31
C THR B 52 -14.57 -41.40 1.75
N SER B 53 -13.29 -41.28 1.98
CA SER B 53 -12.72 -41.16 3.31
C SER B 53 -11.27 -40.71 3.11
N LEU B 54 -10.64 -40.33 4.21
CA LEU B 54 -9.24 -39.96 4.09
C LEU B 54 -8.39 -41.19 3.75
N PRO B 55 -8.61 -42.37 4.38
CA PRO B 55 -7.87 -43.56 3.89
C PRO B 55 -8.16 -43.91 2.46
N ASP B 56 -9.41 -43.76 1.99
CA ASP B 56 -9.71 -44.03 0.58
C ASP B 56 -8.99 -43.06 -0.33
N LEU B 57 -8.94 -41.77 0.05
CA LEU B 57 -8.17 -40.81 -0.73
C LEU B 57 -6.72 -41.26 -0.84
N VAL B 58 -6.11 -41.63 0.29
CA VAL B 58 -4.71 -42.07 0.27
C VAL B 58 -4.55 -43.32 -0.61
N ALA B 59 -5.50 -44.25 -0.52
CA ALA B 59 -5.46 -45.48 -1.32
C ALA B 59 -5.58 -45.19 -2.81
N LYS B 60 -6.24 -44.10 -3.19
CA LYS B 60 -6.38 -43.78 -4.60
C LYS B 60 -5.16 -43.09 -5.20
N LEU B 61 -4.18 -42.71 -4.38
CA LEU B 61 -2.95 -42.05 -4.87
C LEU B 61 -1.93 -43.13 -5.21
N THR B 62 -1.67 -43.32 -6.49
CA THR B 62 -0.85 -44.44 -6.94
C THR B 62 0.56 -44.03 -7.36
N ALA B 63 0.91 -42.75 -7.26
CA ALA B 63 2.26 -42.36 -7.66
C ALA B 63 3.28 -42.85 -6.64
N LYS B 64 4.54 -42.89 -7.07
CA LYS B 64 5.62 -43.25 -6.14
C LYS B 64 5.59 -42.40 -4.86
N ARG B 65 5.40 -41.11 -5.00
CA ARG B 65 5.27 -40.21 -3.85
C ARG B 65 3.83 -39.72 -3.77
N LYS B 66 3.16 -40.04 -2.67
CA LYS B 66 1.80 -39.56 -2.44
C LYS B 66 1.90 -38.12 -1.95
N ILE B 67 1.11 -37.22 -2.57
CA ILE B 67 1.01 -35.82 -2.16
C ILE B 67 -0.41 -35.56 -1.69
N VAL B 68 -0.56 -35.07 -0.47
CA VAL B 68 -1.90 -34.76 0.05
C VAL B 68 -1.90 -33.31 0.53
N TRP B 69 -2.82 -32.51 0.02
CA TRP B 69 -2.98 -31.10 0.38
C TRP B 69 -4.17 -30.95 1.34
N VAL B 70 -3.89 -30.40 2.52
CA VAL B 70 -4.85 -30.25 3.60
C VAL B 70 -5.27 -28.78 3.64
N MET B 71 -6.55 -28.53 3.48
CA MET B 71 -7.10 -27.18 3.40
C MET B 71 -8.33 -27.16 4.30
N LEU B 72 -8.08 -27.25 5.61
CA LEU B 72 -9.10 -27.37 6.64
C LEU B 72 -9.08 -26.19 7.61
N PRO B 73 -10.13 -26.01 8.41
CA PRO B 73 -10.09 -24.97 9.45
C PRO B 73 -8.90 -25.11 10.38
N CYS B 74 -8.24 -23.98 10.63
CA CYS B 74 -7.12 -23.91 11.56
C CYS B 74 -7.47 -24.63 12.87
N GLY B 75 -6.47 -25.26 13.48
CA GLY B 75 -6.66 -25.80 14.81
C GLY B 75 -6.81 -27.30 14.89
N GLU B 76 -7.75 -27.76 15.73
CA GLU B 76 -7.90 -29.20 15.99
C GLU B 76 -8.21 -29.97 14.72
N ILE B 77 -8.98 -29.38 13.80
CA ILE B 77 -9.43 -30.08 12.60
C ILE B 77 -8.25 -30.40 11.68
N THR B 78 -7.42 -29.39 11.41
CA THR B 78 -6.22 -29.62 10.62
C THR B 78 -5.30 -30.61 11.30
N GLU B 79 -5.13 -30.47 12.62
CA GLU B 79 -4.26 -31.36 13.36
C GLU B 79 -4.72 -32.81 13.29
N ASN B 80 -6.04 -33.03 13.41
CA ASN B 80 -6.58 -34.38 13.29
C ASN B 80 -6.23 -34.98 11.94
N ALA B 81 -6.42 -34.20 10.87
CA ALA B 81 -6.08 -34.70 9.53
C ALA B 81 -4.59 -35.02 9.41
N VAL B 82 -3.72 -34.14 9.93
CA VAL B 82 -2.29 -34.36 9.85
C VAL B 82 -1.89 -35.61 10.62
N GLN B 83 -2.49 -35.83 11.78
CA GLN B 83 -2.14 -37.04 12.54
C GLN B 83 -2.60 -38.30 11.82
N GLU B 84 -3.80 -38.27 11.24
CA GLU B 84 -4.29 -39.41 10.49
C GLU B 84 -3.37 -39.73 9.31
N LEU B 85 -2.90 -38.69 8.62
CA LEU B 85 -1.96 -38.86 7.51
C LEU B 85 -0.61 -39.39 7.98
N TYR B 86 -0.16 -38.94 9.15
CA TYR B 86 1.05 -39.49 9.72
C TYR B 86 0.94 -41.00 9.81
N GLY B 87 -0.26 -41.48 10.18
CA GLY B 87 -0.47 -42.92 10.26
C GLY B 87 -0.59 -43.59 8.90
N LEU B 88 -1.13 -42.89 7.90
CA LEU B 88 -1.43 -43.52 6.62
C LEU B 88 -0.30 -43.45 5.59
N LEU B 89 0.56 -42.43 5.67
CA LEU B 89 1.57 -42.21 4.63
C LEU B 89 2.90 -42.82 5.07
N GLY B 90 3.85 -42.83 4.14
CA GLY B 90 5.15 -43.42 4.41
C GLY B 90 6.32 -42.62 3.87
N LYS B 91 7.50 -43.25 3.77
CA LYS B 91 8.72 -42.53 3.41
C LYS B 91 8.60 -41.83 2.05
N ASP B 92 8.93 -40.54 2.03
CA ASP B 92 8.98 -39.64 0.88
C ASP B 92 7.60 -39.18 0.45
N ASP B 93 6.53 -39.59 1.11
CA ASP B 93 5.25 -38.94 0.83
C ASP B 93 5.31 -37.49 1.33
N ILE B 94 4.35 -36.69 0.87
CA ILE B 94 4.36 -35.25 1.13
C ILE B 94 3.00 -34.81 1.61
N VAL B 95 2.96 -34.12 2.74
CA VAL B 95 1.74 -33.51 3.28
C VAL B 95 1.92 -32.01 3.17
N ILE B 96 0.96 -31.33 2.53
CA ILE B 96 0.96 -29.87 2.36
C ILE B 96 -0.16 -29.33 3.23
N ASP B 97 0.15 -28.35 4.08
CA ASP B 97 -0.88 -27.70 4.87
C ASP B 97 -1.08 -26.30 4.30
N GLY B 98 -2.22 -26.07 3.67
CA GLY B 98 -2.52 -24.78 3.08
C GLY B 98 -3.35 -23.82 3.89
N GLY B 99 -3.78 -24.20 5.10
CA GLY B 99 -4.58 -23.32 5.91
C GLY B 99 -3.75 -22.24 6.56
N ASN B 100 -4.42 -21.38 7.32
CA ASN B 100 -3.71 -20.37 8.09
C ASN B 100 -3.40 -20.93 9.47
N THR B 101 -2.44 -21.85 9.43
CA THR B 101 -1.92 -22.53 10.61
C THR B 101 -0.88 -21.64 11.28
N TYR B 102 -0.86 -21.67 12.61
CA TYR B 102 0.19 -21.03 13.38
C TYR B 102 1.53 -21.69 13.08
N TYR B 103 2.53 -20.90 12.68
CA TYR B 103 3.72 -21.49 12.06
C TYR B 103 4.50 -22.40 13.01
N LYS B 104 4.40 -22.16 14.32
CA LYS B 104 5.07 -23.06 15.26
C LYS B 104 4.49 -24.48 15.20
N ASP B 105 3.18 -24.59 14.96
CA ASP B 105 2.57 -25.90 14.70
C ASP B 105 3.18 -26.59 13.47
N ASP B 106 3.49 -25.83 12.42
CA ASP B 106 4.16 -26.42 11.25
C ASP B 106 5.55 -26.93 11.62
N ILE B 107 6.28 -26.19 12.46
CA ILE B 107 7.60 -26.69 12.83
C ILE B 107 7.47 -28.02 13.59
N ARG B 108 6.50 -28.10 14.49
CA ARG B 108 6.31 -29.32 15.28
C ARG B 108 5.85 -30.48 14.39
N ARG B 109 4.86 -30.23 13.54
CA ARG B 109 4.37 -31.28 12.62
C ARG B 109 5.48 -31.80 11.72
N ALA B 110 6.28 -30.92 11.12
CA ALA B 110 7.32 -31.40 10.22
C ALA B 110 8.35 -32.26 10.95
N ALA B 111 8.73 -31.86 12.18
CA ALA B 111 9.66 -32.71 12.93
C ALA B 111 9.06 -34.08 13.22
N GLN B 112 7.80 -34.12 13.62
CA GLN B 112 7.18 -35.41 13.89
C GLN B 112 7.11 -36.27 12.63
N LEU B 113 6.66 -35.68 11.52
CA LEU B 113 6.47 -36.46 10.32
C LEU B 113 7.78 -36.97 9.78
N ALA B 114 8.87 -36.22 10.00
CA ALA B 114 10.17 -36.71 9.55
C ALA B 114 10.53 -38.03 10.23
N ASP B 115 9.87 -38.38 11.36
CA ASP B 115 10.14 -39.67 12.01
C ASP B 115 9.86 -40.85 11.09
N LYS B 116 8.89 -40.68 10.17
CA LYS B 116 8.53 -41.71 9.20
C LYS B 116 8.99 -41.38 7.81
N GLY B 117 9.83 -40.35 7.66
CA GLY B 117 10.24 -39.93 6.35
C GLY B 117 9.19 -39.19 5.56
N ILE B 118 8.13 -38.74 6.21
CA ILE B 118 7.08 -37.97 5.53
C ILE B 118 7.50 -36.50 5.55
N HIS B 119 7.48 -35.87 4.37
CA HIS B 119 7.86 -34.47 4.21
C HIS B 119 6.65 -33.57 4.42
N TYR B 120 6.84 -32.48 5.14
CA TYR B 120 5.74 -31.58 5.46
C TYR B 120 6.07 -30.22 4.88
N VAL B 121 5.10 -29.63 4.17
CA VAL B 121 5.25 -28.37 3.45
C VAL B 121 4.13 -27.46 3.92
N ASP B 122 4.48 -26.26 4.42
CA ASP B 122 3.44 -25.29 4.78
C ASP B 122 3.32 -24.29 3.65
N VAL B 123 2.11 -24.06 3.16
CA VAL B 123 1.84 -23.09 2.09
C VAL B 123 0.95 -21.98 2.65
N GLY B 124 1.42 -20.75 2.60
CA GLY B 124 0.60 -19.60 2.92
C GLY B 124 0.19 -18.97 1.61
N THR B 125 -1.10 -18.70 1.48
CA THR B 125 -1.63 -18.13 0.25
C THR B 125 -2.22 -16.75 0.52
N SER B 126 -2.08 -15.90 -0.48
CA SER B 126 -2.73 -14.61 -0.52
C SER B 126 -3.43 -14.46 -1.85
N GLY B 127 -4.47 -13.63 -1.85
CA GLY B 127 -5.24 -13.37 -3.05
C GLY B 127 -6.37 -14.34 -3.29
N GLY B 128 -7.00 -14.84 -2.22
CA GLY B 128 -8.01 -15.88 -2.37
C GLY B 128 -9.22 -15.45 -3.18
N VAL B 129 -9.51 -14.14 -3.18
CA VAL B 129 -10.66 -13.63 -3.93
C VAL B 129 -10.54 -13.95 -5.41
N TRP B 130 -9.54 -13.38 -6.08
CA TRP B 130 -9.35 -13.54 -7.52
C TRP B 130 -8.55 -14.80 -7.88
N GLY B 131 -8.31 -15.69 -6.93
CA GLY B 131 -7.37 -16.79 -7.08
C GLY B 131 -7.62 -17.84 -8.15
N LEU B 132 -8.87 -18.32 -8.28
CA LEU B 132 -9.17 -19.33 -9.28
C LEU B 132 -8.71 -18.90 -10.67
N GLU B 133 -9.07 -17.67 -11.06
CA GLU B 133 -8.72 -17.20 -12.40
C GLU B 133 -7.36 -16.52 -12.42
N ARG B 134 -7.02 -15.76 -11.38
CA ARG B 134 -5.80 -14.95 -11.40
C ARG B 134 -4.61 -15.64 -10.74
N GLY B 135 -4.80 -16.71 -9.97
CA GLY B 135 -3.70 -17.37 -9.32
C GLY B 135 -3.52 -16.89 -7.90
N TYR B 136 -2.70 -17.64 -7.16
CA TYR B 136 -2.50 -17.44 -5.72
C TYR B 136 -1.07 -17.02 -5.48
N CYS B 137 -0.87 -15.93 -4.76
CA CYS B 137 0.48 -15.61 -4.30
C CYS B 137 0.82 -16.56 -3.14
N MET B 138 1.93 -17.30 -3.25
CA MET B 138 2.19 -18.35 -2.27
C MET B 138 3.58 -18.25 -1.67
N MET B 139 3.63 -18.53 -0.35
CA MET B 139 4.85 -18.51 0.44
C MET B 139 4.92 -19.86 1.13
N TYR B 140 5.94 -20.66 0.87
CA TYR B 140 5.89 -22.02 1.37
C TYR B 140 7.22 -22.48 1.92
N GLY B 141 7.15 -23.36 2.91
CA GLY B 141 8.33 -23.92 3.55
C GLY B 141 8.38 -25.44 3.45
N GLY B 142 9.57 -25.98 3.59
CA GLY B 142 9.78 -27.42 3.58
C GLY B 142 11.17 -27.74 3.05
N THR B 143 11.46 -29.05 2.94
CA THR B 143 12.74 -29.49 2.42
C THR B 143 12.84 -29.19 0.93
N LYS B 144 14.09 -28.97 0.47
CA LYS B 144 14.30 -28.74 -0.96
C LYS B 144 13.81 -29.92 -1.80
N ASP B 145 14.02 -31.14 -1.30
CA ASP B 145 13.63 -32.32 -2.08
C ASP B 145 12.12 -32.33 -2.36
N SER B 146 11.32 -32.14 -1.30
CA SER B 146 9.88 -32.22 -1.48
C SER B 146 9.36 -31.00 -2.23
N THR B 147 9.88 -29.80 -1.95
CA THR B 147 9.33 -28.64 -2.63
C THR B 147 9.72 -28.61 -4.11
N ASP B 148 10.89 -29.14 -4.46
CA ASP B 148 11.22 -29.38 -5.85
C ASP B 148 10.23 -30.34 -6.49
N HIS B 149 9.91 -31.43 -5.80
CA HIS B 149 9.01 -32.41 -6.39
C HIS B 149 7.64 -31.81 -6.74
N ILE B 150 7.11 -30.91 -5.89
CA ILE B 150 5.75 -30.41 -6.07
C ILE B 150 5.75 -29.10 -6.86
N ASP B 151 6.91 -28.73 -7.39
CA ASP B 151 7.00 -27.49 -8.15
C ASP B 151 5.92 -27.34 -9.22
N PRO B 152 5.58 -28.36 -10.04
CA PRO B 152 4.51 -28.17 -11.04
C PRO B 152 3.16 -27.82 -10.42
N ILE B 153 2.85 -28.38 -9.24
CA ILE B 153 1.60 -28.07 -8.55
C ILE B 153 1.55 -26.58 -8.17
N LEU B 154 2.62 -26.11 -7.54
CA LEU B 154 2.66 -24.72 -7.11
C LEU B 154 2.68 -23.78 -8.31
N ASP B 155 3.44 -24.14 -9.35
CA ASP B 155 3.44 -23.30 -10.54
C ASP B 155 2.05 -23.22 -11.16
N ALA B 156 1.30 -24.33 -11.17
CA ALA B 156 -0.07 -24.25 -11.70
C ALA B 156 -0.92 -23.28 -10.89
N LEU B 157 -0.69 -23.22 -9.56
CA LEU B 157 -1.54 -22.34 -8.76
C LEU B 157 -1.11 -20.87 -8.77
N ALA B 158 0.14 -20.59 -9.10
CA ALA B 158 0.68 -19.25 -8.99
C ALA B 158 0.20 -18.36 -10.14
N PRO B 159 0.24 -17.04 -9.95
CA PRO B 159 -0.20 -16.14 -11.03
C PRO B 159 0.70 -16.11 -12.25
N GLY B 160 1.98 -16.46 -12.14
CA GLY B 160 2.91 -16.27 -13.24
C GLY B 160 3.43 -14.84 -13.28
N LYS B 161 4.39 -14.59 -14.20
CA LYS B 161 5.05 -13.29 -14.24
C LYS B 161 4.09 -12.17 -14.64
N GLY B 162 3.08 -12.48 -15.45
CA GLY B 162 2.11 -11.49 -15.83
C GLY B 162 2.78 -10.41 -16.68
N ASP B 163 2.15 -9.24 -16.70
CA ASP B 163 2.60 -8.15 -17.57
C ASP B 163 3.16 -6.96 -16.80
N VAL B 164 3.37 -7.08 -15.49
CA VAL B 164 3.95 -5.98 -14.72
C VAL B 164 5.42 -5.82 -15.06
N ALA B 165 5.93 -4.62 -14.79
CA ALA B 165 7.33 -4.34 -15.07
C ALA B 165 8.24 -5.23 -14.22
N PRO B 166 9.28 -5.81 -14.80
CA PRO B 166 10.20 -6.64 -14.02
C PRO B 166 11.07 -5.81 -13.07
N THR B 167 11.35 -6.40 -11.91
CA THR B 167 12.25 -5.78 -10.93
C THR B 167 13.69 -5.79 -11.43
N PRO B 168 14.36 -4.63 -11.52
CA PRO B 168 15.78 -4.62 -11.93
C PRO B 168 16.73 -5.34 -10.97
N ASP B 169 17.84 -5.81 -11.53
CA ASP B 169 18.98 -6.37 -10.79
C ASP B 169 18.65 -7.64 -10.00
N ARG B 170 17.88 -8.55 -10.61
CA ARG B 170 17.57 -9.83 -9.97
C ARG B 170 18.46 -10.96 -10.46
N GLY B 171 19.29 -10.74 -11.47
CA GLY B 171 20.16 -11.79 -11.97
C GLY B 171 21.37 -12.00 -11.10
N LYS B 172 21.14 -12.48 -9.88
CA LYS B 172 22.20 -12.69 -8.90
C LYS B 172 21.97 -14.00 -8.18
N PRO B 173 23.04 -14.71 -7.82
CA PRO B 173 22.88 -15.84 -6.89
C PRO B 173 22.25 -15.37 -5.57
N GLY B 174 21.49 -16.27 -4.96
CA GLY B 174 20.70 -15.95 -3.79
C GLY B 174 19.27 -15.57 -4.07
N LEU B 175 18.94 -15.16 -5.29
CA LEU B 175 17.61 -14.71 -5.66
C LEU B 175 16.90 -15.76 -6.48
N ASP B 176 15.81 -16.29 -5.96
CA ASP B 176 15.03 -17.35 -6.62
C ASP B 176 14.15 -16.78 -7.72
N PRO B 177 14.36 -17.14 -9.00
CA PRO B 177 13.52 -16.61 -10.08
C PRO B 177 12.05 -16.97 -9.96
N ARG B 178 11.72 -18.03 -9.22
CA ARG B 178 10.31 -18.37 -9.05
C ARG B 178 9.56 -17.30 -8.31
N ALA B 179 10.26 -16.48 -7.52
CA ALA B 179 9.59 -15.39 -6.83
C ALA B 179 8.90 -14.46 -7.82
N GLU B 180 9.47 -14.31 -9.02
CA GLU B 180 8.85 -13.45 -10.03
C GLU B 180 7.58 -14.05 -10.61
N LYS B 181 7.33 -15.33 -10.34
CA LYS B 181 6.10 -15.98 -10.79
C LYS B 181 5.04 -16.01 -9.71
N GLY B 182 5.35 -15.52 -8.51
CA GLY B 182 4.38 -15.44 -7.45
C GLY B 182 4.34 -16.63 -6.52
N TYR B 183 5.38 -17.47 -6.50
CA TYR B 183 5.48 -18.49 -5.45
C TYR B 183 6.93 -18.59 -5.02
N LEU B 184 7.14 -18.65 -3.69
CA LEU B 184 8.47 -18.55 -3.12
C LEU B 184 8.65 -19.61 -2.05
N HIS B 185 9.66 -20.46 -2.24
CA HIS B 185 10.13 -21.35 -1.19
C HIS B 185 10.83 -20.50 -0.14
N CYS B 186 10.27 -20.41 1.05
CA CYS B 186 10.78 -19.42 2.00
C CYS B 186 11.88 -19.96 2.91
N GLY B 187 12.12 -21.27 2.90
CA GLY B 187 13.06 -21.87 3.83
C GLY B 187 12.43 -23.13 4.38
N PRO B 188 12.86 -23.56 5.55
CA PRO B 188 12.36 -24.83 6.11
C PRO B 188 10.90 -24.71 6.54
N ALA B 189 10.32 -25.87 6.89
CA ALA B 189 8.92 -25.91 7.30
C ALA B 189 8.62 -24.91 8.41
N GLY B 190 7.49 -24.21 8.25
CA GLY B 190 7.09 -23.12 9.09
C GLY B 190 7.37 -21.76 8.49
N SER B 191 8.41 -21.65 7.65
CA SER B 191 8.79 -20.33 7.16
C SER B 191 7.77 -19.76 6.19
N GLY B 192 7.02 -20.63 5.50
CA GLY B 192 5.98 -20.15 4.60
C GLY B 192 4.83 -19.52 5.37
N HIS B 193 4.33 -20.21 6.39
CA HIS B 193 3.26 -19.61 7.20
C HIS B 193 3.78 -18.42 8.01
N PHE B 194 5.06 -18.39 8.36
CA PHE B 194 5.60 -17.22 9.04
C PHE B 194 5.56 -16.00 8.11
N VAL B 195 6.05 -16.16 6.88
CA VAL B 195 6.05 -15.03 5.96
C VAL B 195 4.63 -14.59 5.64
N LYS B 196 3.73 -15.54 5.45
CA LYS B 196 2.34 -15.17 5.20
C LYS B 196 1.75 -14.40 6.39
N MET B 197 2.07 -14.82 7.62
CA MET B 197 1.59 -14.12 8.80
C MET B 197 2.05 -12.67 8.78
N VAL B 198 3.32 -12.45 8.44
CA VAL B 198 3.80 -11.05 8.41
C VAL B 198 3.14 -10.25 7.28
N HIS B 199 2.92 -10.88 6.13
CA HIS B 199 2.17 -10.26 5.03
C HIS B 199 0.84 -9.70 5.53
N ASN B 200 0.09 -10.51 6.28
CA ASN B 200 -1.17 -10.03 6.85
C ASN B 200 -0.96 -8.91 7.87
N GLY B 201 0.11 -9.00 8.66
CA GLY B 201 0.36 -7.90 9.60
C GLY B 201 0.59 -6.58 8.88
N ILE B 202 1.39 -6.63 7.81
CA ILE B 202 1.60 -5.43 6.99
C ILE B 202 0.28 -4.93 6.42
N GLU B 203 -0.53 -5.84 5.92
CA GLU B 203 -1.84 -5.48 5.38
C GLU B 203 -2.69 -4.72 6.40
N TYR B 204 -2.73 -5.22 7.64
CA TYR B 204 -3.41 -4.50 8.72
C TYR B 204 -2.94 -3.07 8.80
N GLY B 205 -1.61 -2.88 8.81
CA GLY B 205 -1.06 -1.53 8.91
C GLY B 205 -1.44 -0.66 7.72
N MET B 206 -1.35 -1.21 6.51
CA MET B 206 -1.72 -0.43 5.34
C MET B 206 -3.19 -0.02 5.41
N MET B 207 -4.05 -0.97 5.79
CA MET B 207 -5.47 -0.67 5.87
C MET B 207 -5.69 0.46 6.85
N GLN B 208 -5.02 0.41 7.99
CA GLN B 208 -5.24 1.44 9.01
C GLN B 208 -4.70 2.79 8.55
N ALA B 209 -3.58 2.78 7.84
CA ALA B 209 -3.07 4.04 7.30
C ALA B 209 -4.13 4.72 6.41
N PHE B 210 -4.71 3.95 5.48
CA PHE B 210 -5.78 4.50 4.63
C PHE B 210 -6.98 4.94 5.45
N ALA B 211 -7.42 4.07 6.37
CA ALA B 211 -8.61 4.39 7.15
C ALA B 211 -8.45 5.68 7.94
N GLU B 212 -7.27 5.90 8.54
CA GLU B 212 -7.00 7.14 9.25
C GLU B 212 -7.05 8.34 8.30
N GLY B 213 -6.37 8.23 7.16
CA GLY B 213 -6.41 9.35 6.21
C GLY B 213 -7.82 9.68 5.77
N PHE B 214 -8.61 8.66 5.45
CA PHE B 214 -9.99 8.94 5.03
C PHE B 214 -10.82 9.53 6.16
N ASP B 215 -10.59 9.09 7.40
CA ASP B 215 -11.26 9.72 8.55
C ASP B 215 -10.87 11.20 8.69
N ILE B 216 -9.58 11.52 8.51
CA ILE B 216 -9.16 12.93 8.60
C ILE B 216 -9.84 13.75 7.51
N MET B 217 -9.89 13.23 6.29
CA MET B 217 -10.51 14.00 5.22
C MET B 217 -12.01 14.15 5.44
N LYS B 218 -12.67 13.06 5.78
CA LYS B 218 -14.11 13.12 6.06
C LYS B 218 -14.43 14.10 7.17
N SER B 219 -13.60 14.14 8.22
CA SER B 219 -13.92 15.02 9.33
C SER B 219 -13.43 16.43 9.10
N LYS B 220 -12.78 16.73 7.95
CA LYS B 220 -12.51 18.12 7.63
C LYS B 220 -13.80 18.95 7.46
N ASN B 221 -14.95 18.32 7.38
CA ASN B 221 -16.22 19.04 7.33
C ASN B 221 -16.93 19.03 8.68
N SER B 222 -16.21 18.80 9.78
CA SER B 222 -16.87 18.49 11.03
C SER B 222 -17.57 19.74 11.59
N PRO B 223 -18.79 19.58 12.11
CA PRO B 223 -19.45 20.70 12.79
C PRO B 223 -18.61 21.32 13.90
N LYS B 224 -17.82 20.51 14.59
CA LYS B 224 -16.95 21.03 15.64
C LYS B 224 -15.93 22.03 15.11
N LEU B 225 -15.64 22.03 13.78
CA LEU B 225 -14.71 23.00 13.23
C LEU B 225 -15.42 24.33 12.95
N PRO B 226 -14.72 25.45 13.07
CA PRO B 226 -15.27 26.71 12.59
C PRO B 226 -15.61 26.57 11.12
N GLU B 227 -16.74 27.18 10.73
CA GLU B 227 -17.24 27.04 9.36
C GLU B 227 -16.16 27.38 8.35
N ASP B 228 -15.37 28.42 8.62
CA ASP B 228 -14.35 28.86 7.67
C ASP B 228 -13.11 27.98 7.69
N GLN B 229 -13.09 26.91 8.48
CA GLN B 229 -12.00 25.94 8.44
C GLN B 229 -12.41 24.59 7.87
N ARG B 230 -13.61 24.50 7.28
CA ARG B 230 -14.11 23.23 6.76
C ARG B 230 -13.84 23.10 5.28
N PHE B 231 -13.74 21.85 4.84
CA PHE B 231 -13.82 21.49 3.44
C PHE B 231 -14.78 20.32 3.35
N ASP B 232 -15.64 20.32 2.33
CA ASP B 232 -16.55 19.20 2.11
C ASP B 232 -15.93 18.33 1.01
N LEU B 233 -15.18 17.33 1.42
CA LEU B 233 -14.36 16.58 0.49
C LEU B 233 -15.10 15.36 -0.03
N ASN B 234 -14.82 15.00 -1.27
CA ASN B 234 -15.48 13.89 -1.95
C ASN B 234 -14.64 12.64 -1.79
N MET B 235 -15.04 11.73 -0.88
CA MET B 235 -14.18 10.59 -0.54
C MET B 235 -13.94 9.68 -1.75
N ALA B 236 -15.00 9.36 -2.49
CA ALA B 236 -14.87 8.41 -3.61
C ALA B 236 -13.99 8.97 -4.72
N ASP B 237 -14.12 10.27 -5.01
CA ASP B 237 -13.29 10.86 -6.06
C ASP B 237 -11.84 10.95 -5.60
N ILE B 238 -11.60 11.21 -4.31
CA ILE B 238 -10.21 11.28 -3.85
C ILE B 238 -9.58 9.89 -3.92
N ALA B 239 -10.31 8.88 -3.47
CA ALA B 239 -9.85 7.52 -3.65
C ALA B 239 -9.52 7.23 -5.11
N GLU B 240 -10.41 7.65 -6.03
CA GLU B 240 -10.23 7.36 -7.44
C GLU B 240 -9.01 8.06 -8.01
N VAL B 241 -8.84 9.36 -7.73
CA VAL B 241 -7.71 10.06 -8.32
C VAL B 241 -6.40 9.46 -7.83
N TRP B 242 -6.33 8.98 -6.58
CA TRP B 242 -5.07 8.40 -6.14
C TRP B 242 -4.72 7.11 -6.89
N ARG B 243 -5.68 6.47 -7.58
CA ARG B 243 -5.39 5.21 -8.27
C ARG B 243 -4.33 5.36 -9.37
N ARG B 244 -4.22 6.53 -9.99
CA ARG B 244 -3.39 6.70 -11.18
C ARG B 244 -2.28 7.71 -10.92
N GLY B 245 -1.07 7.19 -10.73
CA GLY B 245 0.13 7.99 -10.65
C GLY B 245 0.56 8.44 -9.27
N SER B 246 -0.09 7.96 -8.21
CA SER B 246 0.22 8.44 -6.86
C SER B 246 1.10 7.45 -6.12
N VAL B 247 1.68 7.93 -5.01
CA VAL B 247 2.52 7.05 -4.20
C VAL B 247 1.71 5.99 -3.46
N VAL B 248 0.41 6.16 -3.25
CA VAL B 248 -0.36 5.19 -2.48
C VAL B 248 -1.11 4.21 -3.37
N SER B 249 -0.84 4.24 -4.68
CA SER B 249 -1.42 3.30 -5.62
CA SER B 249 -1.41 3.29 -5.63
C SER B 249 -1.20 1.88 -5.12
N SER B 250 -2.27 1.09 -5.08
CA SER B 250 -2.21 -0.22 -4.44
C SER B 250 -3.53 -0.94 -4.64
N TRP B 251 -3.49 -2.27 -4.48
CA TRP B 251 -4.71 -3.06 -4.54
C TRP B 251 -5.70 -2.68 -3.46
N LEU B 252 -5.22 -2.39 -2.24
CA LEU B 252 -6.11 -1.94 -1.19
C LEU B 252 -6.81 -0.64 -1.59
N LEU B 253 -6.09 0.27 -2.23
CA LEU B 253 -6.74 1.50 -2.68
C LEU B 253 -7.79 1.20 -3.73
N ASP B 254 -7.49 0.29 -4.66
CA ASP B 254 -8.49 -0.06 -5.68
C ASP B 254 -9.78 -0.53 -5.01
N LEU B 255 -9.66 -1.42 -4.01
CA LEU B 255 -10.85 -1.87 -3.29
C LEU B 255 -11.57 -0.72 -2.60
N THR B 256 -10.81 0.16 -1.95
CA THR B 256 -11.42 1.28 -1.26
C THR B 256 -12.18 2.19 -2.21
N ALA B 257 -11.60 2.49 -3.38
CA ALA B 257 -12.28 3.33 -4.36
C ALA B 257 -13.57 2.68 -4.82
N GLU B 258 -13.53 1.36 -5.00
CA GLU B 258 -14.75 0.65 -5.40
C GLU B 258 -15.82 0.75 -4.32
N ALA B 259 -15.44 0.51 -3.06
CA ALA B 259 -16.40 0.58 -1.98
C ALA B 259 -16.97 1.98 -1.82
N LEU B 260 -16.12 3.00 -1.95
CA LEU B 260 -16.59 4.37 -1.77
C LEU B 260 -17.48 4.81 -2.94
N ALA B 261 -17.15 4.38 -4.16
CA ALA B 261 -18.01 4.65 -5.30
C ALA B 261 -19.38 4.02 -5.10
N LYS B 262 -19.41 2.78 -4.60
CA LYS B 262 -20.69 2.13 -4.32
C LYS B 262 -21.51 2.92 -3.30
N ASN B 263 -20.90 3.31 -2.17
CA ASN B 263 -21.65 4.05 -1.15
C ASN B 263 -20.68 4.82 -0.24
N ALA B 264 -20.53 6.12 -0.50
CA ALA B 264 -19.47 6.88 0.17
C ALA B 264 -19.70 6.98 1.68
N SER B 265 -20.95 6.93 2.14
CA SER B 265 -21.18 7.00 3.58
C SER B 265 -20.77 5.72 4.30
N LEU B 266 -20.58 4.61 3.58
CA LEU B 266 -20.25 3.32 4.18
C LEU B 266 -21.31 2.89 5.19
N SER B 267 -22.54 3.39 4.93
CA SER B 267 -23.77 3.17 5.67
C SER B 267 -23.95 1.76 6.15
N GLU B 268 -23.55 0.81 5.33
CA GLU B 268 -23.87 -0.59 5.50
C GLU B 268 -22.91 -1.34 6.43
N PHE B 269 -21.88 -0.68 6.92
CA PHE B 269 -20.86 -1.30 7.73
C PHE B 269 -20.96 -0.71 9.12
N THR B 270 -20.78 -1.57 10.12
CA THR B 270 -20.84 -1.09 11.50
C THR B 270 -19.54 -0.42 11.93
N GLY B 271 -18.41 -0.90 11.43
CA GLY B 271 -17.11 -0.50 11.93
C GLY B 271 -16.54 -1.41 12.99
N GLU B 272 -17.22 -2.51 13.31
CA GLU B 272 -16.75 -3.45 14.32
C GLU B 272 -15.93 -4.52 13.60
N VAL B 273 -14.62 -4.48 13.81
CA VAL B 273 -13.66 -5.23 12.99
C VAL B 273 -13.12 -6.38 13.80
N ALA B 274 -13.19 -7.59 13.23
CA ALA B 274 -12.58 -8.75 13.86
C ALA B 274 -11.11 -8.84 13.47
N ASP B 275 -10.36 -9.65 14.21
CA ASP B 275 -9.00 -9.97 13.82
C ASP B 275 -8.78 -11.47 13.90
N SER B 276 -8.27 -12.05 12.81
CA SER B 276 -7.93 -13.47 12.81
C SER B 276 -6.58 -13.59 13.54
N GLY B 277 -5.95 -14.77 13.52
CA GLY B 277 -4.77 -14.94 14.35
C GLY B 277 -3.55 -14.14 13.90
N GLU B 278 -3.45 -13.78 12.61
CA GLU B 278 -2.17 -13.39 12.06
C GLU B 278 -1.67 -12.05 12.63
N GLY B 279 -2.56 -11.08 12.86
CA GLY B 279 -2.11 -9.82 13.44
C GLY B 279 -1.50 -10.03 14.82
N ARG B 280 -2.22 -10.76 15.68
CA ARG B 280 -1.70 -11.08 17.01
C ARG B 280 -0.37 -11.82 16.91
N TRP B 281 -0.27 -12.80 15.99
CA TRP B 281 0.94 -13.61 15.92
C TRP B 281 2.12 -12.83 15.37
N THR B 282 1.87 -11.89 14.46
CA THR B 282 2.94 -11.01 14.00
C THR B 282 3.49 -10.19 15.16
N LEU B 283 2.59 -9.63 15.98
CA LEU B 283 3.06 -8.85 17.13
C LEU B 283 3.83 -9.75 18.10
N GLU B 284 3.38 -10.99 18.27
CA GLU B 284 4.13 -11.92 19.12
C GLU B 284 5.56 -12.12 18.61
N ALA B 285 5.71 -12.27 17.28
CA ALA B 285 7.04 -12.40 16.71
C ALA B 285 7.88 -11.15 16.93
N ALA B 286 7.27 -9.97 16.75
CA ALA B 286 8.01 -8.73 17.02
C ALA B 286 8.52 -8.71 18.46
N ILE B 287 7.66 -9.08 19.39
CA ILE B 287 8.05 -9.07 20.81
C ILE B 287 9.21 -10.03 21.03
N GLU B 288 9.07 -11.28 20.55
CA GLU B 288 10.13 -12.28 20.71
C GLU B 288 11.46 -11.75 20.20
N GLU B 289 11.41 -10.96 19.12
CA GLU B 289 12.61 -10.48 18.46
C GLU B 289 13.05 -9.08 18.91
N ALA B 290 12.31 -8.48 19.84
CA ALA B 290 12.60 -7.12 20.32
C ALA B 290 12.60 -6.10 19.19
N VAL B 291 11.61 -6.22 18.31
CA VAL B 291 11.43 -5.32 17.16
C VAL B 291 10.30 -4.35 17.49
N PRO B 292 10.51 -3.03 17.43
CA PRO B 292 9.38 -2.10 17.56
C PRO B 292 8.39 -2.28 16.42
N ALA B 293 7.11 -2.40 16.73
CA ALA B 293 6.08 -2.59 15.70
C ALA B 293 4.86 -1.72 16.02
N PRO B 294 5.03 -0.41 16.12
CA PRO B 294 3.89 0.44 16.53
C PRO B 294 2.74 0.47 15.55
N VAL B 295 3.00 0.35 14.25
CA VAL B 295 1.88 0.46 13.30
C VAL B 295 1.03 -0.79 13.31
N ILE B 296 1.65 -1.97 13.35
CA ILE B 296 0.86 -3.19 13.41
C ILE B 296 0.09 -3.27 14.72
N THR B 297 0.75 -2.89 15.82
CA THR B 297 0.10 -2.84 17.12
C THR B 297 -1.09 -1.88 17.14
N ALA B 298 -0.91 -0.66 16.63
CA ALA B 298 -2.01 0.29 16.56
C ALA B 298 -3.18 -0.28 15.76
N SER B 299 -2.89 -1.02 14.68
CA SER B 299 -3.98 -1.59 13.89
C SER B 299 -4.75 -2.65 14.68
N LEU B 300 -4.01 -3.49 15.42
CA LEU B 300 -4.64 -4.48 16.26
C LEU B 300 -5.50 -3.83 17.34
N PHE B 301 -4.96 -2.82 18.04
CA PHE B 301 -5.71 -2.20 19.15
C PHE B 301 -6.93 -1.47 18.62
N THR B 302 -6.81 -0.80 17.46
CA THR B 302 -7.97 -0.18 16.87
C THR B 302 -9.06 -1.21 16.65
N ARG B 303 -8.68 -2.40 16.19
CA ARG B 303 -9.68 -3.44 16.01
C ARG B 303 -10.30 -3.86 17.35
N PHE B 304 -9.46 -4.12 18.36
CA PHE B 304 -10.00 -4.46 19.69
C PHE B 304 -11.06 -3.46 20.11
N ARG B 305 -10.72 -2.17 20.06
CA ARG B 305 -11.59 -1.13 20.63
C ARG B 305 -12.82 -0.90 19.77
N SER B 306 -12.75 -1.23 18.47
CA SER B 306 -13.91 -1.06 17.60
C SER B 306 -15.06 -1.99 17.99
N ARG B 307 -14.78 -3.06 18.72
CA ARG B 307 -15.76 -4.09 19.02
C ARG B 307 -16.49 -3.85 20.34
N THR B 308 -16.05 -2.90 21.14
CA THR B 308 -16.63 -2.65 22.46
C THR B 308 -17.27 -1.26 22.50
N GLY B 309 -18.06 -1.03 23.56
CA GLY B 309 -18.41 0.31 23.94
C GLY B 309 -17.25 0.90 24.74
N ASN B 310 -17.56 1.92 25.54
CA ASN B 310 -16.56 2.40 26.48
C ASN B 310 -16.11 1.26 27.39
N ASN B 311 -14.80 1.12 27.56
CA ASN B 311 -14.24 0.00 28.30
C ASN B 311 -13.84 0.45 29.70
N TYR B 312 -13.33 -0.50 30.48
CA TYR B 312 -13.03 -0.20 31.88
C TYR B 312 -11.94 0.86 32.00
N ALA B 313 -10.96 0.85 31.09
CA ALA B 313 -9.91 1.86 31.11
C ALA B 313 -10.50 3.26 31.04
N GLU B 314 -11.45 3.46 30.14
CA GLU B 314 -12.04 4.78 29.96
C GLU B 314 -12.86 5.19 31.19
N LYS B 315 -13.53 4.23 31.83
CA LYS B 315 -14.23 4.54 33.08
C LYS B 315 -13.26 4.92 34.20
N VAL B 316 -12.08 4.27 34.25
CA VAL B 316 -11.04 4.65 35.20
C VAL B 316 -10.58 6.08 34.93
N LEU B 317 -10.43 6.43 33.64
CA LEU B 317 -10.07 7.81 33.31
C LEU B 317 -11.12 8.79 33.84
N SER B 318 -12.40 8.48 33.64
CA SER B 318 -13.45 9.37 34.14
C SER B 318 -13.42 9.48 35.66
N ALA B 319 -13.18 8.36 36.36
CA ALA B 319 -13.13 8.37 37.82
C ALA B 319 -11.99 9.23 38.33
N MET B 320 -10.81 9.09 37.73
CA MET B 320 -9.69 9.95 38.09
C MET B 320 -10.02 11.42 37.86
N ARG B 321 -10.61 11.72 36.71
CA ARG B 321 -10.93 13.12 36.41
C ARG B 321 -11.88 13.71 37.44
N PHE B 322 -12.92 12.95 37.82
CA PHE B 322 -13.81 13.39 38.88
C PHE B 322 -13.05 13.60 40.18
N GLY B 323 -12.09 12.72 40.48
CA GLY B 323 -11.32 12.85 41.71
C GLY B 323 -10.58 14.16 41.87
N PHE B 324 -10.30 14.86 40.77
CA PHE B 324 -9.73 16.21 40.88
C PHE B 324 -10.34 17.13 39.81
#